data_6VN7
#
_entry.id   6VN7
#
_cell.length_a   1.00
_cell.length_b   1.00
_cell.length_c   1.00
_cell.angle_alpha   90.00
_cell.angle_beta   90.00
_cell.angle_gamma   90.00
#
_symmetry.space_group_name_H-M   'P 1'
#
loop_
_entity.id
_entity.type
_entity.pdbx_description
1 polymer 'Vasoactive intestinal polypeptide receptor 1'
2 polymer 'Pituitary adenylate cyclase-activating polypeptide'
3 polymer 'Guanine nucleotide-binding protein G(s) subunit alpha isoforms short'
4 polymer 'Guanine nucleotide-binding protein G(I)/G(S)/G(T) subunit beta-1'
5 polymer 'Guanine nucleotide-binding protein G(I)/G(S)/G(O) subunit gamma-2'
6 polymer 'Nanobody 35'
7 non-polymer CHOLESTEROL
8 non-polymer 'PALMITIC ACID'
#
loop_
_entity_poly.entity_id
_entity_poly.type
_entity_poly.pdbx_seq_one_letter_code
_entity_poly.pdbx_strand_id
1 'polypeptide(L)'
;DYKDDDDVDHHHHHHHHARLQEECDYVQMIEVQHKQCLEEAQLENETIGCSKMWDNLTCWPATPRGQVVVLACPLIFKLF
SSIQGRNVSRSCTDEGWTHLEPGPYPIACGLDDKAASLDEQQTMFYGSVKTGYTIGYGLSLATLLVATAILSLFRKLHCT
RNYIHMHLFISFILRAAAVFIKDLALFDSGESDQCSEGSVGCKAAMVFFQYCVMANFFWLLVEGLYLYTLLAVSFFSERK
YFWGYILIGWGVPSTFTMVWTIARIHFEDYGCWDTINSSLWWIIKGPILTSILVNFILFICIIRILLQKLRPPDIRKSDS
SPYSRLARSTLLLIPLFGVHYIMFAFFPDNFKPEVKMVFELVVGSFQGFVVAILYCFLNGEVQAELRRKWRRWHLQGVLG
WNPKYRHPSGGSNGATCSTQVSMLVFTLEDFVGDWEQTAAYNLDQVLEQGGVSSLLQNLAVSVTPIQRIVRSGENALKID
IHVIIPYEGLSADQMAQIEEVFKVVYPVDDHHFKVILPYGTLVIDGVTPNMLNYFGRPYEGIAVFDGKKITVTGTLWNGN
KIIDERLITPDGSMLFRVTINS
;
R
2 'polypeptide(L)' HSDGIFTDSYSRYRKQMAVKKYLAAVL L
3 'polypeptide(L)'
;MGCLGNSKTEDQRNEEKAQREANKKIEKQLQKDKQVYRATHRLLLLGAGESGKNTIVKQMRILHVNGFNGEGGEEDPQAA
RSNSDGEKATKVQDIKNNLKEAIETIVAAMSNLVPPVELANPENQFRVDYILSVMNVPDFDFPPEFYEHAKALWEDEGVR
ACYERSNEYQLIDCAQYFLDKIDVIKQDDYVPSDQDLLRCRVLTSGIFETKFQVDKVNFHMFDVGAQRDERRKWIQCFND
VTAIIFVVASSSYNMVIREDNQTNRLQAALKLFDSIWNNKWLRDTSVILFLNKQDLLAEKVLAGKSKIEDYFPEFARYTT
PEDATPEPGEDPRVTRAKYFIRDEFLRISTASGDGRHYCYPHFTCAVDTENIRRVFNDCRDIIQRMHLRQYELL
;
A
4 'polypeptide(L)'
;MHHHHHHGSLLQSELDQLRQEAEQLKNQIRDARKACADATLSQITNNIDPVGRIQMRTRRTLRGHLAKIYAMHWGTDSRL
LVSASQDGKLIIWDSYTTNKVHAIPLRSSWVMTCAYAPSGNYVACGGLDNICSIYNLKTREGNVRVSRELAGHTGYLSCC
RFLDDNQIVTSSGDTTCALWDIETGQQTTTFTGHTGDVMSLSLAPDTRLFVSGACDASAKLWDVREGMCRQTFTGHESDI
NAICFFPNGNAFATGSDDATCRLFDLRADQELMTYSHDNIICGITSVSFSKSGRLLLAGYDDFNCNVWDALKADRAGVLA
GHDNRVSCLGVTDDGMAVATGSWDSFLKIWNGSSGGGGSGGGGSSGVSGWRLFKKIS
;
B
5 'polypeptide(L)' MASNNTASIAQARKLVEQLKMEANIDRIKVSKAAADLMAYCEAHAKEDPLLTPVPASENPFREKKFFCAIL G
6 'polypeptide(L)'
;QVQLQESGGGLVQPGGSLRLSCAASGFTFSNYKMNWVRQAPGKGLEWVSDISQSGASISYTGSVKGRFTISRDNAKNTLY
LQMNSLKPEDTAVYYCARCPAPFTRDCFDVTSTTYAYRGQGTQVTVSSHHHHHH
;
N
#
# COMPACT_ATOMS: atom_id res chain seq x y z
N ALA A 116 -34.59 57.66 -27.64
CA ALA A 116 -33.65 58.05 -26.60
C ALA A 116 -32.41 57.17 -26.62
N SER A 117 -31.33 57.65 -25.99
CA SER A 117 -30.13 56.84 -25.80
C SER A 117 -30.34 55.68 -24.84
N LEU A 118 -31.38 55.74 -24.00
CA LEU A 118 -31.74 54.64 -23.11
C LEU A 118 -31.99 53.34 -23.88
N ASP A 119 -32.64 53.44 -25.04
CA ASP A 119 -32.92 52.28 -25.88
C ASP A 119 -31.64 51.61 -26.38
N GLU A 120 -30.79 52.36 -27.09
CA GLU A 120 -29.55 51.82 -27.62
C GLU A 120 -28.61 51.31 -26.51
N GLN A 121 -28.52 52.02 -25.38
CA GLN A 121 -27.69 51.50 -24.28
C GLN A 121 -28.26 50.22 -23.68
N GLN A 122 -29.60 50.10 -23.61
CA GLN A 122 -30.23 48.87 -23.14
C GLN A 122 -29.98 47.71 -24.12
N THR A 123 -30.02 48.01 -25.42
CA THR A 123 -29.70 47.03 -26.45
C THR A 123 -28.26 46.54 -26.31
N MET A 124 -27.32 47.48 -26.20
CA MET A 124 -25.91 47.17 -25.91
C MET A 124 -25.76 46.30 -24.66
N PHE A 125 -26.46 46.65 -23.58
CA PHE A 125 -26.50 45.91 -22.32
C PHE A 125 -26.86 44.45 -22.52
N TYR A 126 -28.08 44.21 -23.02
CA TYR A 126 -28.55 42.84 -23.29
C TYR A 126 -27.63 42.09 -24.25
N GLY A 127 -27.06 42.79 -25.25
CA GLY A 127 -26.09 42.14 -26.13
C GLY A 127 -24.83 41.72 -25.42
N SER A 128 -24.33 42.57 -24.51
CA SER A 128 -23.14 42.24 -23.71
C SER A 128 -23.40 41.03 -22.83
N VAL A 129 -24.56 41.01 -22.16
CA VAL A 129 -24.90 39.91 -21.26
C VAL A 129 -25.08 38.61 -22.05
N LYS A 130 -25.65 38.70 -23.26
CA LYS A 130 -25.87 37.52 -24.07
C LYS A 130 -24.59 36.99 -24.67
N THR A 131 -23.62 37.87 -24.95
CA THR A 131 -22.34 37.42 -25.46
C THR A 131 -21.53 36.81 -24.32
N GLY A 132 -21.70 37.36 -23.11
CA GLY A 132 -20.99 36.83 -21.95
C GLY A 132 -21.44 35.43 -21.61
N TYR A 133 -22.76 35.19 -21.56
CA TYR A 133 -23.15 33.83 -21.20
C TYR A 133 -23.00 32.86 -22.38
N THR A 134 -22.99 33.36 -23.62
CA THR A 134 -22.68 32.47 -24.75
C THR A 134 -21.23 32.00 -24.70
N ILE A 135 -20.31 32.90 -24.31
CA ILE A 135 -18.91 32.52 -24.17
C ILE A 135 -18.73 31.57 -22.97
N GLY A 136 -19.43 31.85 -21.88
CA GLY A 136 -19.29 31.02 -20.69
C GLY A 136 -19.85 29.62 -20.86
N TYR A 137 -21.04 29.51 -21.46
CA TYR A 137 -21.61 28.20 -21.78
C TYR A 137 -21.08 27.60 -23.08
N GLY A 138 -20.11 28.23 -23.73
CA GLY A 138 -19.32 27.53 -24.72
C GLY A 138 -18.11 26.88 -24.07
N LEU A 139 -17.44 27.66 -23.21
CA LEU A 139 -16.24 27.20 -22.52
C LEU A 139 -16.57 26.07 -21.54
N SER A 140 -17.62 26.24 -20.73
CA SER A 140 -18.07 25.21 -19.80
C SER A 140 -18.74 24.03 -20.49
N LEU A 141 -18.91 24.08 -21.80
CA LEU A 141 -19.38 22.94 -22.57
C LEU A 141 -18.20 22.14 -23.10
N ALA A 142 -17.24 22.83 -23.72
CA ALA A 142 -16.08 22.16 -24.29
C ALA A 142 -15.18 21.54 -23.20
N THR A 143 -14.89 22.31 -22.14
CA THR A 143 -13.98 21.80 -21.12
C THR A 143 -14.62 20.72 -20.26
N LEU A 144 -15.95 20.66 -20.20
CA LEU A 144 -16.59 19.60 -19.46
C LEU A 144 -16.94 18.40 -20.31
N LEU A 145 -16.99 18.54 -21.64
CA LEU A 145 -16.95 17.34 -22.47
C LEU A 145 -15.57 16.68 -22.40
N VAL A 146 -14.50 17.48 -22.38
CA VAL A 146 -13.15 16.95 -22.15
C VAL A 146 -13.05 16.26 -20.79
N ALA A 147 -13.58 16.89 -19.73
CA ALA A 147 -13.49 16.33 -18.39
C ALA A 147 -14.30 15.05 -18.24
N THR A 148 -15.51 15.02 -18.82
CA THR A 148 -16.34 13.83 -18.77
C THR A 148 -15.72 12.69 -19.59
N ALA A 149 -15.08 13.03 -20.70
CA ALA A 149 -14.36 12.02 -21.49
C ALA A 149 -13.22 11.40 -20.70
N ILE A 150 -12.39 12.23 -20.06
CA ILE A 150 -11.26 11.74 -19.26
C ILE A 150 -11.74 10.85 -18.11
N LEU A 151 -12.79 11.29 -17.40
CA LEU A 151 -13.31 10.52 -16.27
C LEU A 151 -13.92 9.20 -16.72
N SER A 152 -14.68 9.21 -17.82
CA SER A 152 -15.32 7.98 -18.27
C SER A 152 -14.29 7.00 -18.82
N LEU A 153 -13.31 7.49 -19.59
CA LEU A 153 -12.33 6.60 -20.20
C LEU A 153 -11.40 5.95 -19.17
N PHE A 154 -10.90 6.73 -18.20
CA PHE A 154 -9.92 6.17 -17.27
C PHE A 154 -10.55 5.15 -16.32
N ARG A 155 -10.02 3.92 -16.34
CA ARG A 155 -10.60 2.82 -15.59
C ARG A 155 -10.44 3.00 -14.08
N LYS A 156 -9.29 3.52 -13.64
CA LYS A 156 -8.97 3.53 -12.22
C LYS A 156 -9.84 4.52 -11.46
N LEU A 157 -10.14 5.65 -12.09
CA LEU A 157 -10.90 6.73 -11.49
C LEU A 157 -12.38 6.43 -11.32
N HIS A 158 -12.86 5.22 -11.58
CA HIS A 158 -14.23 4.87 -11.26
C HIS A 158 -14.39 4.67 -9.76
N CYS A 159 -15.34 5.37 -9.18
CA CYS A 159 -15.63 5.42 -7.75
C CYS A 159 -16.94 6.16 -7.59
N THR A 160 -17.59 5.95 -6.43
CA THR A 160 -18.88 6.58 -6.17
C THR A 160 -18.77 8.10 -6.17
N ARG A 161 -17.66 8.61 -5.61
CA ARG A 161 -17.37 10.05 -5.63
C ARG A 161 -17.24 10.56 -7.06
N ASN A 162 -16.50 9.83 -7.90
CA ASN A 162 -16.31 10.32 -9.25
C ASN A 162 -17.49 9.97 -10.14
N TYR A 163 -18.40 9.11 -9.68
CA TYR A 163 -19.64 8.89 -10.42
C TYR A 163 -20.58 10.06 -10.20
N ILE A 164 -20.66 10.53 -8.96
CA ILE A 164 -21.45 11.73 -8.67
C ILE A 164 -20.85 12.96 -9.38
N HIS A 165 -19.52 13.09 -9.36
CA HIS A 165 -18.82 14.06 -10.21
C HIS A 165 -19.23 13.97 -11.68
N MET A 166 -19.29 12.75 -12.23
CA MET A 166 -19.63 12.59 -13.66
C MET A 166 -21.09 13.00 -13.90
N HIS A 167 -21.97 12.72 -12.95
CA HIS A 167 -23.37 13.13 -13.10
C HIS A 167 -23.51 14.64 -13.01
N LEU A 168 -22.70 15.29 -12.16
CA LEU A 168 -22.67 16.75 -12.10
C LEU A 168 -22.19 17.32 -13.44
N PHE A 169 -21.13 16.74 -13.98
CA PHE A 169 -20.53 17.27 -15.21
C PHE A 169 -21.46 17.09 -16.41
N ILE A 170 -22.16 15.96 -16.50
CA ILE A 170 -23.12 15.82 -17.59
C ILE A 170 -24.38 16.63 -17.34
N SER A 171 -24.63 17.02 -16.08
CA SER A 171 -25.71 17.98 -15.83
C SER A 171 -25.30 19.38 -16.30
N PHE A 172 -24.04 19.75 -16.11
CA PHE A 172 -23.51 20.99 -16.67
C PHE A 172 -23.56 20.98 -18.20
N ILE A 173 -23.32 19.81 -18.81
CA ILE A 173 -23.39 19.67 -20.26
C ILE A 173 -24.82 19.87 -20.76
N LEU A 174 -25.79 19.23 -20.08
CA LEU A 174 -27.18 19.40 -20.45
C LEU A 174 -27.69 20.81 -20.17
N ARG A 175 -27.15 21.50 -19.16
CA ARG A 175 -27.51 22.90 -18.93
C ARG A 175 -27.01 23.80 -20.06
N ALA A 176 -25.74 23.63 -20.46
CA ALA A 176 -25.20 24.34 -21.63
C ALA A 176 -26.03 24.09 -22.88
N ALA A 177 -26.30 22.81 -23.19
CA ALA A 177 -27.10 22.48 -24.36
C ALA A 177 -28.52 23.00 -24.28
N ALA A 178 -29.07 23.15 -23.07
CA ALA A 178 -30.44 23.63 -22.95
C ALA A 178 -30.49 25.14 -23.08
N VAL A 179 -29.42 25.82 -22.70
CA VAL A 179 -29.34 27.27 -22.91
C VAL A 179 -29.17 27.58 -24.39
N PHE A 180 -28.33 26.81 -25.09
CA PHE A 180 -28.22 26.94 -26.55
C PHE A 180 -29.53 26.65 -27.28
N ILE A 181 -30.25 25.58 -26.88
CA ILE A 181 -31.55 25.27 -27.50
C ILE A 181 -32.55 26.39 -27.21
N LYS A 182 -32.53 26.95 -25.99
CA LYS A 182 -33.40 28.08 -25.68
C LYS A 182 -33.03 29.32 -26.48
N ASP A 183 -31.72 29.50 -26.74
CA ASP A 183 -31.24 30.65 -27.51
C ASP A 183 -31.67 30.55 -28.96
N LEU A 184 -31.87 29.32 -29.46
CA LEU A 184 -32.36 29.14 -30.82
C LEU A 184 -33.76 29.73 -31.00
N ALA A 185 -34.65 29.49 -30.05
CA ALA A 185 -35.97 30.13 -30.08
C ALA A 185 -35.94 31.63 -29.81
N LEU A 186 -34.85 32.17 -29.27
CA LEU A 186 -34.69 33.61 -29.19
C LEU A 186 -34.18 34.21 -30.49
N PHE A 187 -33.34 33.47 -31.22
CA PHE A 187 -32.76 33.99 -32.46
C PHE A 187 -33.79 34.03 -33.57
N ASP A 188 -34.40 32.89 -33.89
CA ASP A 188 -35.25 32.72 -35.07
C ASP A 188 -36.51 33.57 -35.03
N SER A 199 -45.72 27.77 -28.78
CA SER A 199 -45.76 26.97 -30.00
C SER A 199 -45.47 25.49 -29.71
N VAL A 200 -45.29 24.70 -30.76
CA VAL A 200 -44.97 23.29 -30.60
C VAL A 200 -43.51 23.11 -30.16
N GLY A 201 -42.59 23.83 -30.79
CA GLY A 201 -41.18 23.78 -30.43
C GLY A 201 -40.80 24.52 -29.17
N CYS A 202 -41.13 25.82 -29.14
CA CYS A 202 -40.86 26.76 -28.05
C CYS A 202 -41.13 26.18 -26.67
N LYS A 203 -42.29 25.51 -26.51
CA LYS A 203 -42.66 24.94 -25.22
C LYS A 203 -41.75 23.77 -24.83
N ALA A 204 -41.34 22.95 -25.79
CA ALA A 204 -40.47 21.82 -25.47
C ALA A 204 -39.07 22.30 -25.12
N ALA A 205 -38.60 23.32 -25.83
CA ALA A 205 -37.31 23.94 -25.51
C ALA A 205 -37.35 24.56 -24.12
N MET A 206 -38.46 25.23 -23.79
CA MET A 206 -38.66 25.82 -22.47
C MET A 206 -38.69 24.78 -21.36
N VAL A 207 -39.30 23.61 -21.61
CA VAL A 207 -39.32 22.55 -20.59
C VAL A 207 -37.93 21.95 -20.39
N PHE A 208 -37.18 21.73 -21.48
CA PHE A 208 -35.82 21.22 -21.34
C PHE A 208 -34.89 22.23 -20.68
N PHE A 209 -35.12 23.52 -20.93
CA PHE A 209 -34.39 24.59 -20.25
C PHE A 209 -34.76 24.70 -18.78
N GLN A 210 -36.03 24.50 -18.44
CA GLN A 210 -36.46 24.59 -17.04
C GLN A 210 -36.33 23.26 -16.33
N TYR A 211 -35.70 22.27 -16.97
CA TYR A 211 -35.39 20.99 -16.35
C TYR A 211 -33.91 20.84 -16.06
N CYS A 212 -33.05 21.20 -17.03
CA CYS A 212 -31.61 21.07 -16.85
C CYS A 212 -31.09 21.92 -15.68
N VAL A 213 -31.58 23.16 -15.56
CA VAL A 213 -31.19 24.05 -14.46
C VAL A 213 -31.51 23.44 -13.10
N MET A 214 -32.77 22.97 -12.94
CA MET A 214 -33.20 22.38 -11.68
C MET A 214 -32.45 21.09 -11.38
N ALA A 215 -32.10 20.32 -12.42
CA ALA A 215 -31.33 19.11 -12.18
C ALA A 215 -29.89 19.42 -11.81
N ASN A 216 -29.38 20.57 -12.26
CA ASN A 216 -28.04 20.99 -11.86
C ASN A 216 -28.01 21.40 -10.39
N PHE A 217 -28.97 22.22 -9.98
CA PHE A 217 -29.04 22.64 -8.59
C PHE A 217 -29.30 21.46 -7.64
N PHE A 218 -30.16 20.53 -8.05
CA PHE A 218 -30.33 19.31 -7.24
C PHE A 218 -29.09 18.42 -7.24
N TRP A 219 -28.27 18.43 -8.29
CA TRP A 219 -27.02 17.66 -8.17
C TRP A 219 -25.98 18.35 -7.30
N LEU A 220 -26.07 19.68 -7.17
CA LEU A 220 -25.26 20.35 -6.15
C LEU A 220 -25.74 19.98 -4.75
N LEU A 221 -27.06 19.82 -4.60
CA LEU A 221 -27.62 19.36 -3.33
C LEU A 221 -27.18 17.93 -3.01
N VAL A 222 -27.12 17.07 -4.05
CA VAL A 222 -26.72 15.68 -3.85
C VAL A 222 -25.24 15.58 -3.47
N GLU A 223 -24.40 16.43 -4.06
CA GLU A 223 -22.99 16.48 -3.65
C GLU A 223 -22.82 16.99 -2.21
N GLY A 224 -23.61 17.99 -1.81
CA GLY A 224 -23.62 18.42 -0.41
C GLY A 224 -24.05 17.31 0.55
N LEU A 225 -25.13 16.61 0.21
CA LEU A 225 -25.60 15.50 1.03
C LEU A 225 -24.60 14.36 1.08
N TYR A 226 -23.88 14.13 -0.02
CA TYR A 226 -22.96 12.99 -0.07
C TYR A 226 -21.72 13.26 0.76
N LEU A 227 -21.19 14.49 0.71
CA LEU A 227 -20.03 14.78 1.55
C LEU A 227 -20.41 14.90 3.02
N TYR A 228 -21.61 15.41 3.32
CA TYR A 228 -22.00 15.42 4.73
C TYR A 228 -22.43 14.04 5.22
N THR A 229 -22.79 13.13 4.31
CA THR A 229 -23.07 11.77 4.72
C THR A 229 -21.78 11.02 5.01
N LEU A 230 -20.76 11.18 4.15
CA LEU A 230 -19.45 10.60 4.40
C LEU A 230 -18.87 11.09 5.72
N LEU A 231 -18.97 12.40 5.99
CA LEU A 231 -18.38 12.93 7.21
C LEU A 231 -19.19 12.53 8.45
N ALA A 232 -20.49 12.85 8.47
CA ALA A 232 -21.29 12.64 9.68
C ALA A 232 -21.55 11.15 9.97
N VAL A 233 -21.70 10.31 8.94
CA VAL A 233 -21.91 8.89 9.18
C VAL A 233 -20.87 8.13 8.36
N SER A 234 -19.65 8.05 8.89
CA SER A 234 -18.54 7.42 8.18
C SER A 234 -18.81 5.95 7.91
N PHE A 235 -19.27 5.22 8.93
CA PHE A 235 -19.47 3.78 8.89
C PHE A 235 -20.76 3.43 8.14
N PHE A 236 -20.77 3.71 6.84
CA PHE A 236 -21.96 3.45 6.04
C PHE A 236 -21.56 2.91 4.67
N SER A 237 -22.50 2.20 4.04
CA SER A 237 -22.31 1.66 2.70
C SER A 237 -22.90 2.63 1.67
N GLU A 238 -22.02 3.17 0.80
CA GLU A 238 -22.44 4.09 -0.26
C GLU A 238 -23.40 3.44 -1.25
N ARG A 239 -23.24 2.14 -1.50
CA ARG A 239 -24.08 1.42 -2.47
C ARG A 239 -25.55 1.41 -2.08
N LYS A 240 -25.85 1.34 -0.78
CA LYS A 240 -27.24 1.36 -0.32
C LYS A 240 -27.95 2.68 -0.64
N TYR A 241 -27.25 3.81 -0.51
CA TYR A 241 -27.86 5.09 -0.83
C TYR A 241 -27.60 5.59 -2.25
N PHE A 242 -26.79 4.88 -3.05
CA PHE A 242 -26.44 5.37 -4.38
C PHE A 242 -27.68 5.50 -5.26
N TRP A 243 -28.62 4.55 -5.13
CA TRP A 243 -29.88 4.65 -5.86
C TRP A 243 -30.84 5.63 -5.21
N GLY A 244 -30.53 6.10 -4.00
CA GLY A 244 -31.32 7.10 -3.31
C GLY A 244 -30.74 8.47 -3.55
N TYR A 245 -29.59 8.53 -4.21
CA TYR A 245 -28.92 9.75 -4.60
C TYR A 245 -29.14 10.07 -6.08
N ILE A 246 -29.18 9.03 -6.92
CA ILE A 246 -29.56 9.21 -8.32
C ILE A 246 -31.03 9.64 -8.41
N LEU A 247 -31.86 9.12 -7.50
CA LEU A 247 -33.27 9.49 -7.45
C LEU A 247 -33.47 10.96 -7.10
N ILE A 248 -32.81 11.44 -6.04
CA ILE A 248 -32.83 12.86 -5.67
C ILE A 248 -32.27 13.72 -6.81
N GLY A 249 -31.23 13.23 -7.49
CA GLY A 249 -30.63 14.01 -8.57
C GLY A 249 -31.54 14.19 -9.77
N TRP A 250 -32.13 13.10 -10.27
CA TRP A 250 -32.91 13.22 -11.50
C TRP A 250 -34.43 13.20 -11.32
N GLY A 251 -34.98 12.36 -10.45
CA GLY A 251 -36.42 12.14 -10.44
C GLY A 251 -37.24 13.31 -9.94
N VAL A 252 -36.77 13.97 -8.88
CA VAL A 252 -37.51 15.06 -8.23
C VAL A 252 -37.57 16.31 -9.12
N PRO A 253 -36.49 16.72 -9.83
CA PRO A 253 -36.69 17.75 -10.87
C PRO A 253 -37.69 17.34 -11.94
N SER A 254 -37.70 16.07 -12.34
CA SER A 254 -38.62 15.60 -13.36
C SER A 254 -40.07 15.64 -12.86
N THR A 255 -40.27 15.29 -11.58
CA THR A 255 -41.58 15.41 -10.95
C THR A 255 -42.08 16.85 -10.94
N PHE A 256 -41.30 17.77 -10.36
CA PHE A 256 -41.64 19.20 -10.40
C PHE A 256 -41.89 19.72 -11.82
N THR A 257 -40.99 19.40 -12.76
CA THR A 257 -41.15 19.77 -14.17
C THR A 257 -42.50 19.31 -14.73
N MET A 258 -42.91 18.08 -14.41
CA MET A 258 -44.18 17.57 -14.91
C MET A 258 -45.37 18.28 -14.27
N VAL A 259 -45.25 18.59 -12.97
CA VAL A 259 -46.28 19.36 -12.28
C VAL A 259 -46.43 20.75 -12.90
N TRP A 260 -45.28 21.37 -13.25
CA TRP A 260 -45.30 22.71 -13.84
C TRP A 260 -45.91 22.69 -15.23
N THR A 261 -45.57 21.66 -16.02
CA THR A 261 -46.10 21.53 -17.38
C THR A 261 -47.62 21.33 -17.37
N ILE A 262 -48.10 20.41 -16.53
CA ILE A 262 -49.54 20.20 -16.34
C ILE A 262 -50.22 21.46 -15.83
N ALA A 263 -49.57 22.18 -14.90
CA ALA A 263 -50.12 23.40 -14.34
C ALA A 263 -50.25 24.51 -15.37
N ARG A 264 -49.29 24.62 -16.30
CA ARG A 264 -49.44 25.60 -17.36
C ARG A 264 -50.48 25.17 -18.40
N ILE A 265 -50.56 23.88 -18.71
CA ILE A 265 -51.54 23.39 -19.69
C ILE A 265 -52.98 23.61 -19.19
N HIS A 266 -53.34 22.99 -18.07
CA HIS A 266 -54.74 22.96 -17.66
C HIS A 266 -55.24 24.32 -17.14
N PHE A 267 -54.39 25.10 -16.46
CA PHE A 267 -54.90 26.31 -15.82
C PHE A 267 -55.05 27.47 -16.80
N GLU A 268 -53.97 27.88 -17.46
CA GLU A 268 -54.00 29.11 -18.24
C GLU A 268 -52.77 29.19 -19.12
N ASP A 269 -52.97 29.65 -20.37
CA ASP A 269 -51.93 29.71 -21.38
C ASP A 269 -52.07 31.05 -22.10
N TYR A 270 -51.00 31.86 -22.10
CA TYR A 270 -50.94 33.05 -22.95
C TYR A 270 -50.42 32.74 -24.35
N GLY A 271 -49.29 32.05 -24.44
CA GLY A 271 -48.59 31.77 -25.68
C GLY A 271 -47.43 30.87 -25.36
N CYS A 272 -46.25 31.11 -25.91
CA CYS A 272 -45.08 30.36 -25.46
C CYS A 272 -44.82 30.69 -23.99
N TRP A 273 -44.30 29.70 -23.27
CA TRP A 273 -44.21 29.80 -21.81
C TRP A 273 -43.00 30.65 -21.46
N ASP A 274 -43.19 31.97 -21.44
CA ASP A 274 -42.05 32.85 -21.24
C ASP A 274 -42.31 33.82 -20.08
N THR A 275 -43.48 34.46 -20.10
CA THR A 275 -43.93 35.34 -19.02
C THR A 275 -43.95 34.60 -17.69
N ILE A 276 -43.46 35.26 -16.64
CA ILE A 276 -43.47 34.71 -15.30
C ILE A 276 -44.76 35.13 -14.57
N ASN A 277 -45.51 34.14 -14.11
CA ASN A 277 -46.73 34.34 -13.34
C ASN A 277 -46.50 33.67 -11.99
N SER A 278 -46.68 34.44 -10.91
CA SER A 278 -46.15 34.12 -9.57
C SER A 278 -46.58 32.73 -9.09
N SER A 279 -47.86 32.38 -9.30
CA SER A 279 -48.36 31.06 -8.95
C SER A 279 -47.64 29.98 -9.76
N LEU A 280 -47.51 30.20 -11.06
CA LEU A 280 -46.93 29.19 -11.93
C LEU A 280 -45.42 29.18 -11.78
N TRP A 281 -44.82 30.36 -11.56
CA TRP A 281 -43.37 30.47 -11.44
C TRP A 281 -42.86 29.81 -10.17
N TRP A 282 -43.57 30.02 -9.04
CA TRP A 282 -43.08 29.56 -7.75
C TRP A 282 -43.04 28.03 -7.61
N ILE A 283 -43.68 27.28 -8.51
CA ILE A 283 -43.69 25.83 -8.41
C ILE A 283 -42.33 25.28 -8.84
N ILE A 284 -41.61 26.01 -9.69
CA ILE A 284 -40.23 25.70 -10.04
C ILE A 284 -39.25 26.70 -9.45
N LYS A 285 -39.70 27.55 -8.53
CA LYS A 285 -38.79 28.44 -7.80
C LYS A 285 -38.40 27.82 -6.46
N GLY A 286 -39.42 27.48 -5.65
CA GLY A 286 -39.29 26.90 -4.32
C GLY A 286 -38.22 25.85 -4.06
N PRO A 287 -38.21 24.75 -4.83
CA PRO A 287 -37.17 23.72 -4.63
C PRO A 287 -35.75 24.19 -4.92
N ILE A 288 -35.59 25.24 -5.73
CA ILE A 288 -34.27 25.81 -5.95
C ILE A 288 -33.80 26.57 -4.71
N LEU A 289 -34.69 27.35 -4.11
CA LEU A 289 -34.39 28.04 -2.86
C LEU A 289 -34.10 27.05 -1.74
N THR A 290 -34.87 25.96 -1.68
CA THR A 290 -34.66 24.91 -0.68
C THR A 290 -33.29 24.24 -0.86
N SER A 291 -32.93 23.93 -2.11
CA SER A 291 -31.63 23.31 -2.40
C SER A 291 -30.48 24.24 -2.04
N ILE A 292 -30.59 25.53 -2.37
CA ILE A 292 -29.54 26.50 -2.03
C ILE A 292 -29.41 26.65 -0.51
N LEU A 293 -30.53 26.64 0.22
CA LEU A 293 -30.50 26.80 1.67
C LEU A 293 -29.88 25.57 2.36
N VAL A 294 -30.39 24.38 2.04
CA VAL A 294 -29.89 23.14 2.63
C VAL A 294 -28.42 22.92 2.28
N ASN A 295 -28.01 23.27 1.05
CA ASN A 295 -26.60 23.13 0.72
C ASN A 295 -25.72 24.22 1.34
N PHE A 296 -26.27 25.38 1.69
CA PHE A 296 -25.51 26.34 2.49
C PHE A 296 -25.35 25.86 3.93
N ILE A 297 -26.37 25.21 4.49
CA ILE A 297 -26.26 24.68 5.85
C ILE A 297 -25.26 23.54 5.92
N LEU A 298 -25.32 22.62 4.96
CA LEU A 298 -24.28 21.60 4.78
C LEU A 298 -22.89 22.21 4.57
N PHE A 299 -22.80 23.35 3.87
CA PHE A 299 -21.50 24.01 3.74
C PHE A 299 -21.01 24.58 5.07
N ILE A 300 -21.91 25.06 5.92
CA ILE A 300 -21.49 25.54 7.24
C ILE A 300 -21.04 24.35 8.11
N CYS A 301 -21.64 23.18 7.91
CA CYS A 301 -21.19 22.02 8.66
C CYS A 301 -19.85 21.47 8.16
N ILE A 302 -19.57 21.57 6.86
CA ILE A 302 -18.30 21.10 6.33
C ILE A 302 -17.27 22.26 6.31
N ILE A 303 -17.59 23.38 6.94
CA ILE A 303 -16.55 24.30 7.40
C ILE A 303 -16.49 24.35 8.93
N ARG A 304 -17.39 23.63 9.60
CA ARG A 304 -17.20 23.36 11.02
C ARG A 304 -16.27 22.17 11.24
N ILE A 305 -16.47 21.09 10.46
CA ILE A 305 -15.70 19.87 10.65
C ILE A 305 -14.24 20.07 10.25
N LEU A 306 -13.98 20.85 9.20
CA LEU A 306 -12.59 21.12 8.81
C LEU A 306 -11.87 21.97 9.85
N LEU A 307 -12.60 22.81 10.58
CA LEU A 307 -11.98 23.55 11.68
C LEU A 307 -11.71 22.63 12.85
N GLN A 308 -12.64 21.70 13.13
CA GLN A 308 -12.43 20.77 14.24
C GLN A 308 -11.39 19.70 13.91
N LYS A 309 -10.94 19.61 12.65
CA LYS A 309 -9.89 18.66 12.30
C LYS A 309 -8.56 19.32 12.00
N LEU A 310 -8.54 20.63 11.70
CA LEU A 310 -7.29 21.36 11.63
C LEU A 310 -6.80 21.88 12.98
N ARG A 311 -7.63 21.79 14.02
CA ARG A 311 -7.28 22.44 15.29
C ARG A 311 -6.17 21.71 16.07
N PRO A 312 -6.20 20.38 16.28
CA PRO A 312 -5.06 19.74 16.98
C PRO A 312 -3.73 19.84 16.22
N PRO A 313 -3.70 19.71 14.85
CA PRO A 313 -2.39 20.08 14.26
C PRO A 313 -1.98 21.55 14.45
N PRO A 322 -3.65 27.24 11.31
CA PRO A 322 -3.52 26.87 9.89
C PRO A 322 -4.58 27.51 9.02
N TYR A 323 -4.88 28.79 9.29
CA TYR A 323 -5.74 29.69 8.52
C TYR A 323 -5.63 29.53 7.00
N SER A 324 -4.40 29.42 6.48
CA SER A 324 -4.17 29.22 5.06
C SER A 324 -4.86 27.96 4.53
N ARG A 325 -4.81 26.87 5.30
CA ARG A 325 -5.36 25.61 4.84
C ARG A 325 -6.89 25.62 4.86
N LEU A 326 -7.47 26.14 5.95
CA LEU A 326 -8.91 26.35 6.03
C LEU A 326 -9.42 27.26 4.92
N ALA A 327 -8.67 28.32 4.62
CA ALA A 327 -9.05 29.26 3.56
C ALA A 327 -8.97 28.61 2.18
N ARG A 328 -7.92 27.82 1.94
CA ARG A 328 -7.82 27.07 0.69
C ARG A 328 -8.93 26.03 0.55
N SER A 329 -9.33 25.41 1.65
CA SER A 329 -10.43 24.44 1.59
C SER A 329 -11.77 25.13 1.34
N THR A 330 -11.97 26.30 1.94
CA THR A 330 -13.18 27.09 1.67
C THR A 330 -13.23 27.55 0.22
N LEU A 331 -12.13 28.09 -0.30
CA LEU A 331 -12.10 28.51 -1.69
C LEU A 331 -12.00 27.35 -2.68
N LEU A 332 -11.84 26.11 -2.22
CA LEU A 332 -12.01 24.95 -3.10
C LEU A 332 -13.32 24.22 -2.84
N LEU A 333 -14.15 24.71 -1.90
CA LEU A 333 -15.41 24.07 -1.60
C LEU A 333 -16.61 24.98 -1.88
N ILE A 334 -16.38 26.26 -2.15
CA ILE A 334 -17.46 27.17 -2.57
C ILE A 334 -17.93 26.89 -4.00
N PRO A 335 -17.07 26.65 -5.02
CA PRO A 335 -17.63 26.29 -6.34
C PRO A 335 -18.29 24.93 -6.38
N LEU A 336 -17.85 23.98 -5.55
CA LEU A 336 -18.42 22.65 -5.53
C LEU A 336 -19.86 22.64 -5.02
N PHE A 337 -20.13 23.33 -3.91
CA PHE A 337 -21.46 23.35 -3.33
C PHE A 337 -22.33 24.52 -3.78
N GLY A 338 -21.82 25.39 -4.66
CA GLY A 338 -22.60 26.52 -5.18
C GLY A 338 -23.05 27.43 -4.07
N VAL A 339 -22.09 27.84 -3.23
CA VAL A 339 -22.38 28.69 -2.07
C VAL A 339 -22.78 30.09 -2.50
N HIS A 340 -22.24 30.59 -3.62
CA HIS A 340 -22.41 31.98 -4.03
C HIS A 340 -23.87 32.33 -4.36
N TYR A 341 -24.71 31.33 -4.66
CA TYR A 341 -26.13 31.57 -4.91
C TYR A 341 -26.86 32.11 -3.69
N ILE A 342 -26.37 31.84 -2.47
CA ILE A 342 -27.05 32.31 -1.26
C ILE A 342 -26.91 33.81 -1.05
N MET A 343 -26.03 34.47 -1.81
CA MET A 343 -25.99 35.92 -1.83
C MET A 343 -27.26 36.51 -2.43
N PHE A 344 -27.74 35.96 -3.54
CA PHE A 344 -28.94 36.46 -4.20
C PHE A 344 -30.10 35.46 -4.15
N ALA A 345 -30.14 34.61 -3.12
CA ALA A 345 -31.12 33.53 -3.07
C ALA A 345 -32.52 34.08 -2.84
N PHE A 346 -32.73 34.74 -1.70
CA PHE A 346 -34.02 35.29 -1.32
C PHE A 346 -34.24 36.67 -1.94
N PHE A 347 -33.22 37.18 -2.64
CA PHE A 347 -33.26 38.48 -3.29
C PHE A 347 -34.41 38.57 -4.31
N PRO A 348 -35.19 39.65 -4.31
CA PRO A 348 -36.29 39.79 -5.26
C PRO A 348 -35.87 40.43 -6.57
N ASP A 349 -36.49 39.95 -7.65
CA ASP A 349 -36.01 40.22 -9.00
C ASP A 349 -36.35 41.63 -9.45
N ASN A 350 -37.56 42.10 -9.10
CA ASN A 350 -38.01 43.45 -9.37
C ASN A 350 -37.14 44.54 -8.75
N PHE A 351 -36.35 44.22 -7.71
CA PHE A 351 -35.68 45.26 -6.94
C PHE A 351 -34.44 45.80 -7.66
N LYS A 352 -33.52 44.94 -8.06
CA LYS A 352 -32.35 45.37 -8.85
C LYS A 352 -32.33 44.67 -10.19
N PRO A 353 -32.50 45.40 -11.31
CA PRO A 353 -32.44 44.81 -12.65
C PRO A 353 -31.12 44.13 -12.97
N GLU A 354 -30.00 44.86 -12.91
CA GLU A 354 -28.75 44.40 -13.51
C GLU A 354 -27.84 43.68 -12.53
N VAL A 355 -27.99 43.94 -11.22
CA VAL A 355 -27.04 43.45 -10.22
C VAL A 355 -27.13 41.93 -10.12
N LYS A 356 -28.34 41.41 -10.04
CA LYS A 356 -28.55 39.96 -10.00
C LYS A 356 -28.15 39.32 -11.33
N MET A 357 -28.75 39.81 -12.44
CA MET A 357 -28.58 39.19 -13.76
C MET A 357 -27.12 39.08 -14.19
N VAL A 358 -26.36 40.17 -14.07
CA VAL A 358 -25.00 40.20 -14.62
C VAL A 358 -24.09 39.26 -13.83
N PHE A 359 -23.97 39.50 -12.52
CA PHE A 359 -23.21 38.66 -11.59
C PHE A 359 -23.58 37.19 -11.74
N GLU A 360 -24.87 36.87 -11.63
CA GLU A 360 -25.31 35.47 -11.61
C GLU A 360 -25.02 34.78 -12.94
N LEU A 361 -25.33 35.42 -14.06
CA LEU A 361 -25.11 34.77 -15.36
C LEU A 361 -23.63 34.61 -15.69
N VAL A 362 -22.80 35.65 -15.45
CA VAL A 362 -21.36 35.53 -15.66
C VAL A 362 -20.72 34.47 -14.76
N VAL A 363 -20.96 34.55 -13.44
CA VAL A 363 -20.43 33.56 -12.50
C VAL A 363 -20.91 32.15 -12.84
N GLY A 364 -22.24 31.95 -12.94
CA GLY A 364 -22.80 30.66 -13.36
C GLY A 364 -22.20 30.13 -14.65
N SER A 365 -21.97 31.02 -15.63
CA SER A 365 -21.44 30.62 -16.92
C SER A 365 -20.02 30.11 -16.79
N PHE A 366 -19.19 30.79 -16.00
CA PHE A 366 -17.82 30.32 -15.82
C PHE A 366 -17.68 29.26 -14.74
N GLN A 367 -18.75 28.97 -13.99
CA GLN A 367 -18.71 28.03 -12.88
C GLN A 367 -18.31 26.63 -13.34
N GLY A 368 -18.80 26.23 -14.52
CA GLY A 368 -18.48 24.90 -15.03
C GLY A 368 -17.01 24.76 -15.38
N PHE A 369 -16.44 25.79 -16.02
CA PHE A 369 -15.01 25.84 -16.28
C PHE A 369 -14.20 25.85 -14.98
N VAL A 370 -14.66 26.59 -13.97
CA VAL A 370 -13.96 26.64 -12.68
C VAL A 370 -13.94 25.26 -12.03
N VAL A 371 -15.08 24.58 -12.02
CA VAL A 371 -15.17 23.27 -11.36
C VAL A 371 -14.39 22.23 -12.17
N ALA A 372 -14.35 22.39 -13.50
CA ALA A 372 -13.61 21.48 -14.36
C ALA A 372 -12.11 21.60 -14.13
N ILE A 373 -11.59 22.83 -14.12
CA ILE A 373 -10.17 23.06 -13.86
C ILE A 373 -9.79 22.58 -12.46
N LEU A 374 -10.53 23.01 -11.43
CA LEU A 374 -10.17 22.70 -10.06
C LEU A 374 -10.29 21.21 -9.74
N TYR A 375 -11.17 20.46 -10.41
CA TYR A 375 -11.43 19.09 -10.00
C TYR A 375 -10.96 18.03 -10.99
N CYS A 376 -11.13 18.21 -12.29
CA CYS A 376 -10.66 17.16 -13.18
C CYS A 376 -9.17 17.31 -13.51
N PHE A 377 -8.75 18.52 -13.87
CA PHE A 377 -7.36 18.75 -14.28
C PHE A 377 -6.40 19.02 -13.13
N LEU A 378 -6.88 19.39 -11.94
CA LEU A 378 -5.98 19.66 -10.81
C LEU A 378 -6.02 18.62 -9.70
N ASN A 379 -6.74 17.51 -9.86
CA ASN A 379 -6.57 16.41 -8.91
C ASN A 379 -5.22 15.72 -9.12
N GLY A 380 -4.56 15.41 -8.00
CA GLY A 380 -3.30 14.70 -8.04
C GLY A 380 -3.37 13.36 -8.75
N GLU A 381 -4.43 12.58 -8.48
CA GLU A 381 -4.55 11.25 -9.05
C GLU A 381 -4.82 11.29 -10.55
N VAL A 382 -5.54 12.31 -11.02
CA VAL A 382 -5.86 12.38 -12.45
C VAL A 382 -4.65 12.86 -13.24
N GLN A 383 -3.87 13.78 -12.66
CA GLN A 383 -2.60 14.18 -13.25
C GLN A 383 -1.62 13.01 -13.26
N ALA A 384 -1.58 12.24 -12.17
CA ALA A 384 -0.75 11.03 -12.12
C ALA A 384 -1.12 10.05 -13.24
N GLU A 385 -2.43 9.79 -13.40
CA GLU A 385 -2.88 8.89 -14.47
C GLU A 385 -2.55 9.43 -15.86
N LEU A 386 -2.62 10.76 -16.04
CA LEU A 386 -2.32 11.34 -17.35
C LEU A 386 -0.83 11.22 -17.65
N ARG A 387 0.02 11.45 -16.64
CA ARG A 387 1.46 11.27 -16.81
C ARG A 387 1.80 9.80 -17.10
N ARG A 388 1.16 8.87 -16.38
CA ARG A 388 1.39 7.45 -16.61
C ARG A 388 1.01 7.04 -18.03
N LYS A 389 -0.20 7.42 -18.47
CA LYS A 389 -0.63 7.11 -19.84
C LYS A 389 0.27 7.77 -20.89
N TRP A 390 0.78 8.97 -20.59
CA TRP A 390 1.62 9.67 -21.55
C TRP A 390 3.01 9.04 -21.65
N ARG A 391 3.52 8.51 -20.54
CA ARG A 391 4.78 7.77 -20.57
C ARG A 391 4.63 6.39 -21.19
N ARG A 392 3.45 5.76 -21.03
CA ARG A 392 3.21 4.49 -21.69
C ARG A 392 3.07 4.66 -23.20
N TRP A 393 2.41 5.73 -23.64
CA TRP A 393 2.41 6.06 -25.07
C TRP A 393 3.79 6.47 -25.57
N HIS A 394 4.60 7.12 -24.71
CA HIS A 394 5.96 7.50 -25.08
C HIS A 394 6.84 6.27 -25.31
N LEU A 395 6.76 5.28 -24.42
CA LEU A 395 7.53 4.04 -24.60
C LEU A 395 7.08 3.28 -25.85
N GLN A 396 5.78 3.14 -26.06
CA GLN A 396 5.24 2.40 -27.20
C GLN A 396 5.54 3.10 -28.53
N HIS B 1 -34.58 31.26 -10.63
CA HIS B 1 -33.22 31.51 -11.09
C HIS B 1 -33.16 32.69 -12.08
N SER B 2 -31.96 33.28 -12.18
CA SER B 2 -31.75 34.49 -12.96
C SER B 2 -32.01 34.30 -14.45
N ASP B 3 -31.73 33.10 -14.97
CA ASP B 3 -31.87 32.83 -16.40
C ASP B 3 -33.30 33.02 -16.90
N GLY B 4 -34.27 32.40 -16.22
CA GLY B 4 -35.68 32.57 -16.56
C GLY B 4 -36.15 34.01 -16.60
N ILE B 5 -35.87 34.77 -15.53
CA ILE B 5 -36.35 36.15 -15.45
C ILE B 5 -35.62 37.03 -16.47
N PHE B 6 -34.33 36.78 -16.69
CA PHE B 6 -33.59 37.46 -17.74
C PHE B 6 -34.22 37.23 -19.10
N THR B 7 -34.52 35.96 -19.42
CA THR B 7 -35.20 35.59 -20.66
C THR B 7 -36.53 36.32 -20.82
N ASP B 8 -37.30 36.41 -19.73
CA ASP B 8 -38.59 37.12 -19.78
C ASP B 8 -38.40 38.61 -20.02
N SER B 9 -37.41 39.22 -19.35
CA SER B 9 -37.08 40.63 -19.58
C SER B 9 -36.67 40.87 -21.02
N TYR B 10 -35.88 39.95 -21.59
CA TYR B 10 -35.39 40.12 -22.95
C TYR B 10 -36.52 39.93 -23.95
N SER B 11 -37.49 39.08 -23.61
CA SER B 11 -38.65 38.89 -24.47
C SER B 11 -39.55 40.11 -24.45
N ARG B 12 -39.79 40.67 -23.26
CA ARG B 12 -40.59 41.89 -23.16
C ARG B 12 -39.91 43.06 -23.87
N TYR B 13 -38.57 43.11 -23.79
CA TYR B 13 -37.83 44.17 -24.49
C TYR B 13 -37.95 44.01 -26.00
N ARG B 14 -37.84 42.76 -26.49
CA ARG B 14 -37.99 42.50 -27.92
C ARG B 14 -39.40 42.85 -28.39
N LYS B 15 -40.41 42.57 -27.56
CA LYS B 15 -41.79 42.88 -27.94
C LYS B 15 -42.03 44.39 -27.95
N GLN B 16 -41.42 45.12 -27.01
CA GLN B 16 -41.56 46.58 -27.02
C GLN B 16 -40.84 47.20 -28.20
N MET B 17 -39.64 46.71 -28.51
CA MET B 17 -38.93 47.19 -29.70
C MET B 17 -39.69 46.86 -30.99
N ALA B 18 -40.40 45.72 -31.03
CA ALA B 18 -41.22 45.38 -32.19
C ALA B 18 -42.40 46.33 -32.32
N VAL B 19 -43.06 46.64 -31.19
CA VAL B 19 -44.18 47.58 -31.19
C VAL B 19 -43.72 48.96 -31.66
N LYS B 20 -42.59 49.44 -31.12
CA LYS B 20 -42.03 50.73 -31.55
C LYS B 20 -41.65 50.74 -33.02
N LYS B 21 -41.07 49.64 -33.54
CA LYS B 21 -40.69 49.62 -34.95
C LYS B 21 -41.90 49.57 -35.87
N TYR B 22 -42.94 48.82 -35.50
CA TYR B 22 -44.20 48.87 -36.24
C TYR B 22 -44.84 50.25 -36.20
N LEU B 23 -44.82 50.91 -35.03
CA LEU B 23 -45.37 52.26 -34.91
C LEU B 23 -44.59 53.27 -35.73
N ALA B 24 -43.29 53.05 -35.89
CA ALA B 24 -42.46 53.97 -36.69
C ALA B 24 -42.63 53.70 -38.18
N ALA B 25 -42.75 52.44 -38.57
CA ALA B 25 -43.16 52.05 -39.92
C ALA B 25 -44.47 52.71 -40.34
N VAL B 26 -45.52 52.55 -39.52
CA VAL B 26 -46.83 53.13 -39.85
C VAL B 26 -46.78 54.65 -39.83
N LEU B 27 -46.04 55.23 -38.88
CA LEU B 27 -45.84 56.68 -38.87
C LEU B 27 -44.50 57.07 -39.47
N THR C 9 -19.06 -28.83 -32.23
CA THR C 9 -18.82 -27.60 -31.49
C THR C 9 -20.01 -27.21 -30.63
N GLU C 10 -21.08 -28.01 -30.73
CA GLU C 10 -22.22 -27.86 -29.83
C GLU C 10 -21.84 -28.15 -28.39
N ASP C 11 -21.03 -29.21 -28.17
CA ASP C 11 -20.52 -29.52 -26.84
C ASP C 11 -19.64 -28.41 -26.29
N GLN C 12 -18.84 -27.78 -27.17
CA GLN C 12 -18.02 -26.65 -26.76
C GLN C 12 -18.87 -25.45 -26.35
N ARG C 13 -20.03 -25.26 -26.99
CA ARG C 13 -20.96 -24.21 -26.56
C ARG C 13 -21.63 -24.58 -25.24
N ASN C 14 -21.92 -25.87 -25.04
CA ASN C 14 -22.44 -26.34 -23.76
C ASN C 14 -21.46 -26.08 -22.62
N GLU C 15 -20.17 -26.38 -22.85
CA GLU C 15 -19.14 -26.11 -21.86
C GLU C 15 -18.95 -24.61 -21.62
N GLU C 16 -19.09 -23.78 -22.67
CA GLU C 16 -19.02 -22.33 -22.48
C GLU C 16 -20.20 -21.81 -21.65
N LYS C 17 -21.41 -22.29 -21.95
CA LYS C 17 -22.59 -22.03 -21.11
C LYS C 17 -22.36 -22.41 -19.64
N ALA C 18 -21.87 -23.63 -19.41
CA ALA C 18 -21.46 -24.09 -18.08
C ALA C 18 -20.52 -23.11 -17.38
N GLN C 19 -19.44 -22.71 -18.08
CA GLN C 19 -18.46 -21.83 -17.45
C GLN C 19 -18.99 -20.42 -17.25
N ARG C 20 -19.98 -19.99 -18.05
CA ARG C 20 -20.61 -18.70 -17.80
C ARG C 20 -21.55 -18.75 -16.62
N GLU C 21 -22.24 -19.88 -16.41
CA GLU C 21 -23.07 -20.06 -15.23
C GLU C 21 -22.21 -20.09 -13.96
N ALA C 22 -21.11 -20.85 -14.00
CA ALA C 22 -20.12 -20.86 -12.91
C ALA C 22 -19.61 -19.46 -12.61
N ASN C 23 -19.21 -18.71 -13.66
CA ASN C 23 -18.70 -17.36 -13.49
C ASN C 23 -19.76 -16.44 -12.87
N LYS C 24 -21.03 -16.63 -13.23
CA LYS C 24 -22.08 -15.76 -12.68
C LYS C 24 -22.34 -16.08 -11.21
N LYS C 25 -22.34 -17.36 -10.85
CA LYS C 25 -22.48 -17.75 -9.45
C LYS C 25 -21.32 -17.23 -8.59
N ILE C 26 -20.10 -17.35 -9.10
CA ILE C 26 -18.92 -16.87 -8.37
C ILE C 26 -18.91 -15.35 -8.25
N GLU C 27 -19.37 -14.64 -9.29
CA GLU C 27 -19.45 -13.18 -9.20
C GLU C 27 -20.56 -12.72 -8.25
N LYS C 28 -21.67 -13.47 -8.18
CA LYS C 28 -22.69 -13.20 -7.14
C LYS C 28 -22.12 -13.39 -5.74
N GLN C 29 -21.38 -14.49 -5.53
CA GLN C 29 -20.74 -14.74 -4.23
C GLN C 29 -19.75 -13.64 -3.86
N LEU C 30 -18.94 -13.19 -4.83
CA LEU C 30 -17.99 -12.11 -4.56
C LEU C 30 -18.70 -10.79 -4.27
N GLN C 31 -19.81 -10.51 -4.97
CA GLN C 31 -20.58 -9.30 -4.68
C GLN C 31 -21.24 -9.37 -3.31
N LYS C 32 -21.57 -10.58 -2.84
CA LYS C 32 -22.13 -10.70 -1.50
C LYS C 32 -21.07 -10.66 -0.41
N ASP C 33 -19.82 -11.00 -0.74
CA ASP C 33 -18.75 -10.94 0.25
C ASP C 33 -18.02 -9.61 0.26
N LYS C 34 -18.19 -8.79 -0.79
CA LYS C 34 -17.54 -7.49 -0.85
C LYS C 34 -18.13 -6.50 0.15
N GLN C 35 -19.46 -6.58 0.37
CA GLN C 35 -20.11 -5.76 1.38
C GLN C 35 -19.59 -6.08 2.78
N VAL C 36 -19.54 -7.37 3.11
CA VAL C 36 -19.01 -7.84 4.40
C VAL C 36 -17.56 -7.41 4.58
N TYR C 37 -16.76 -7.49 3.52
CA TYR C 37 -15.33 -7.17 3.67
C TYR C 37 -15.07 -5.67 3.73
N ARG C 38 -15.90 -4.85 3.08
CA ARG C 38 -15.73 -3.40 3.20
C ARG C 38 -16.40 -2.81 4.42
N ALA C 39 -17.36 -3.52 5.03
CA ALA C 39 -17.97 -3.02 6.26
C ALA C 39 -16.98 -3.08 7.43
N THR C 40 -16.41 -4.25 7.67
CA THR C 40 -15.71 -4.54 8.92
C THR C 40 -14.33 -3.90 8.94
N HIS C 41 -14.05 -3.10 9.96
CA HIS C 41 -12.75 -2.45 10.09
C HIS C 41 -11.74 -3.35 10.81
N ARG C 42 -10.45 -3.05 10.59
CA ARG C 42 -9.37 -3.93 10.98
C ARG C 42 -8.31 -3.23 11.83
N LEU C 43 -7.98 -3.85 12.96
CA LEU C 43 -7.05 -3.33 13.95
C LEU C 43 -5.93 -4.33 14.13
N LEU C 44 -4.70 -3.85 14.18
CA LEU C 44 -3.56 -4.69 14.52
C LEU C 44 -3.11 -4.38 15.94
N LEU C 45 -3.04 -5.40 16.80
CA LEU C 45 -2.80 -5.16 18.22
C LEU C 45 -1.36 -5.55 18.54
N LEU C 46 -0.46 -4.57 18.58
CA LEU C 46 0.97 -4.82 18.72
C LEU C 46 1.43 -4.28 20.07
N GLY C 47 2.09 -5.15 20.84
CA GLY C 47 2.61 -4.78 22.14
C GLY C 47 3.70 -5.72 22.56
N ALA C 48 4.59 -5.22 23.41
CA ALA C 48 5.57 -6.07 24.08
C ALA C 48 4.88 -7.10 24.97
N GLY C 49 5.60 -8.20 25.23
CA GLY C 49 5.03 -9.27 26.01
C GLY C 49 5.00 -9.01 27.51
N GLU C 50 5.86 -8.10 27.98
CA GLU C 50 5.77 -7.65 29.37
C GLU C 50 4.57 -6.73 29.56
N SER C 51 4.29 -5.87 28.59
CA SER C 51 3.06 -5.08 28.61
C SER C 51 1.83 -5.98 28.52
N GLY C 52 0.88 -5.74 29.40
CA GLY C 52 -0.28 -6.61 29.52
C GLY C 52 -1.36 -6.40 28.48
N LYS C 53 -1.04 -6.69 27.22
CA LYS C 53 -2.06 -6.76 26.17
C LYS C 53 -3.04 -7.92 26.37
N ASN C 54 -2.69 -8.92 27.18
CA ASN C 54 -3.63 -9.97 27.57
C ASN C 54 -4.81 -9.38 28.35
N THR C 55 -4.54 -8.39 29.20
CA THR C 55 -5.61 -7.65 29.86
C THR C 55 -6.47 -6.92 28.85
N ILE C 56 -5.85 -6.34 27.82
CA ILE C 56 -6.58 -5.61 26.80
C ILE C 56 -7.47 -6.55 25.97
N VAL C 57 -6.99 -7.75 25.63
CA VAL C 57 -7.84 -8.69 24.89
C VAL C 57 -8.98 -9.21 25.77
N LYS C 58 -8.71 -9.46 27.06
CA LYS C 58 -9.78 -9.92 27.95
C LYS C 58 -10.84 -8.85 28.17
N GLN C 59 -10.44 -7.58 28.26
CA GLN C 59 -11.41 -6.49 28.33
C GLN C 59 -12.16 -6.33 27.02
N MET C 60 -11.44 -6.49 25.90
CA MET C 60 -12.04 -6.43 24.56
C MET C 60 -13.14 -7.48 24.37
N ARG C 61 -12.92 -8.70 24.90
CA ARG C 61 -13.96 -9.73 24.88
C ARG C 61 -15.25 -9.26 25.54
N ILE C 62 -15.13 -8.57 26.68
CA ILE C 62 -16.29 -8.03 27.38
C ILE C 62 -16.61 -6.63 26.88
N THR C 204 -2.51 -22.83 20.27
CA THR C 204 -1.22 -23.15 19.66
C THR C 204 -1.01 -22.34 18.38
N SER C 205 -2.10 -21.75 17.87
CA SER C 205 -2.09 -21.07 16.58
C SER C 205 -1.23 -19.81 16.63
N GLY C 206 -0.81 -19.35 15.45
CA GLY C 206 0.10 -18.23 15.37
C GLY C 206 -0.56 -16.88 15.56
N ILE C 207 -1.47 -16.50 14.69
CA ILE C 207 -2.21 -15.25 14.81
C ILE C 207 -3.48 -15.51 15.61
N PHE C 208 -3.87 -14.54 16.43
CA PHE C 208 -5.08 -14.61 17.23
C PHE C 208 -6.06 -13.57 16.74
N GLU C 209 -7.36 -13.84 16.90
CA GLU C 209 -8.37 -13.00 16.28
C GLU C 209 -9.48 -12.71 17.28
N THR C 210 -9.98 -11.48 17.26
CA THR C 210 -11.10 -11.07 18.10
C THR C 210 -12.11 -10.35 17.23
N LYS C 211 -13.35 -10.86 17.21
CA LYS C 211 -14.42 -10.24 16.44
C LYS C 211 -15.43 -9.63 17.41
N PHE C 212 -15.73 -8.35 17.23
CA PHE C 212 -16.74 -7.71 18.06
C PHE C 212 -17.41 -6.61 17.25
N GLN C 213 -18.44 -6.01 17.85
CA GLN C 213 -19.13 -4.90 17.22
C GLN C 213 -19.41 -3.83 18.26
N VAL C 214 -19.38 -2.58 17.80
CA VAL C 214 -19.82 -1.43 18.58
C VAL C 214 -20.73 -0.60 17.69
N ASP C 215 -21.92 -0.26 18.22
CA ASP C 215 -22.95 0.52 17.53
C ASP C 215 -23.25 -0.04 16.14
N LYS C 216 -23.33 -1.38 16.06
CA LYS C 216 -23.63 -2.14 14.84
C LYS C 216 -22.55 -1.95 13.77
N VAL C 217 -21.32 -1.66 14.21
CA VAL C 217 -20.16 -1.59 13.33
C VAL C 217 -19.18 -2.66 13.76
N ASN C 218 -18.70 -3.45 12.80
CA ASN C 218 -17.90 -4.64 13.10
C ASN C 218 -16.41 -4.33 13.08
N PHE C 219 -15.70 -4.87 14.05
CA PHE C 219 -14.28 -4.64 14.29
C PHE C 219 -13.58 -5.96 14.51
N HIS C 220 -12.60 -6.26 13.65
CA HIS C 220 -11.69 -7.38 13.84
C HIS C 220 -10.37 -6.87 14.41
N MET C 221 -9.95 -7.43 15.53
CA MET C 221 -8.71 -7.05 16.22
C MET C 221 -7.78 -8.25 16.17
N PHE C 222 -6.65 -8.11 15.47
CA PHE C 222 -5.73 -9.21 15.23
C PHE C 222 -4.52 -9.11 16.14
N ASP C 223 -4.40 -10.07 17.06
CA ASP C 223 -3.30 -10.12 18.01
C ASP C 223 -2.18 -10.96 17.40
N VAL C 224 -0.95 -10.46 17.51
CA VAL C 224 0.23 -11.21 17.08
C VAL C 224 0.68 -12.10 18.22
N GLY C 225 0.63 -13.41 17.99
CA GLY C 225 0.79 -14.37 19.06
C GLY C 225 2.15 -15.06 19.01
N ALA C 226 2.14 -16.37 18.77
CA ALA C 226 3.38 -17.15 18.67
C ALA C 226 4.02 -16.85 17.32
N GLN C 227 4.77 -15.77 17.26
CA GLN C 227 5.58 -15.40 16.09
C GLN C 227 7.03 -15.20 16.51
N ARG C 228 7.88 -14.90 15.53
CA ARG C 228 9.28 -14.65 15.79
C ARG C 228 9.46 -13.17 16.18
N ASP C 229 10.59 -12.88 16.86
CA ASP C 229 10.91 -11.51 17.22
C ASP C 229 11.17 -10.63 15.99
N GLU C 230 11.69 -11.22 14.91
CA GLU C 230 12.05 -10.47 13.71
C GLU C 230 10.79 -10.02 12.97
N ARG C 231 10.47 -8.73 13.05
CA ARG C 231 9.17 -8.23 12.65
C ARG C 231 9.17 -7.63 11.25
N ARG C 232 10.31 -7.56 10.56
CA ARG C 232 10.42 -6.72 9.39
C ARG C 232 9.74 -7.28 8.14
N LYS C 233 9.38 -8.56 8.13
CA LYS C 233 8.82 -9.16 6.92
C LYS C 233 7.30 -9.32 6.95
N TRP C 234 6.75 -9.82 8.06
CA TRP C 234 5.30 -9.99 8.14
C TRP C 234 4.55 -8.70 8.39
N ILE C 235 5.21 -7.65 8.92
CA ILE C 235 4.57 -6.35 9.13
C ILE C 235 4.17 -5.71 7.80
N GLN C 236 4.82 -6.10 6.70
CA GLN C 236 4.44 -5.62 5.37
C GLN C 236 3.09 -6.17 4.92
N CYS C 237 2.57 -7.22 5.57
CA CYS C 237 1.24 -7.73 5.29
C CYS C 237 0.14 -6.90 5.93
N PHE C 238 0.47 -5.82 6.63
CA PHE C 238 -0.45 -5.08 7.48
C PHE C 238 -0.58 -3.62 7.05
N ASN C 239 -0.60 -3.37 5.74
CA ASN C 239 -0.75 -2.01 5.24
C ASN C 239 -2.18 -1.68 4.84
N ASP C 240 -3.14 -2.59 5.06
CA ASP C 240 -4.52 -2.34 4.71
C ASP C 240 -5.47 -2.34 5.91
N VAL C 241 -4.96 -2.57 7.12
CA VAL C 241 -5.81 -2.48 8.31
C VAL C 241 -6.16 -1.02 8.56
N THR C 242 -7.31 -0.77 9.19
CA THR C 242 -7.71 0.62 9.39
C THR C 242 -6.94 1.28 10.52
N ALA C 243 -6.29 0.52 11.40
CA ALA C 243 -5.40 1.11 12.39
C ALA C 243 -4.47 0.07 12.98
N ILE C 244 -3.38 0.55 13.59
CA ILE C 244 -2.52 -0.27 14.43
C ILE C 244 -2.56 0.31 15.84
N ILE C 245 -2.92 -0.52 16.80
CA ILE C 245 -2.99 -0.12 18.21
C ILE C 245 -1.73 -0.67 18.88
N PHE C 246 -0.95 0.23 19.48
CA PHE C 246 0.38 -0.07 19.96
C PHE C 246 0.36 0.17 21.48
N VAL C 247 0.61 -0.88 22.25
CA VAL C 247 0.41 -0.83 23.69
C VAL C 247 1.75 -1.04 24.38
N VAL C 248 2.15 -0.08 25.21
CA VAL C 248 3.44 -0.12 25.89
C VAL C 248 3.25 0.17 27.37
N ALA C 249 4.02 -0.52 28.20
CA ALA C 249 3.95 -0.40 29.65
C ALA C 249 5.08 0.50 30.13
N SER C 250 4.73 1.58 30.83
CA SER C 250 5.72 2.49 31.41
C SER C 250 6.19 1.94 32.75
N SER C 251 7.44 1.48 32.80
CA SER C 251 8.07 0.99 34.02
C SER C 251 9.05 2.03 34.52
N SER C 252 8.82 2.53 35.74
CA SER C 252 9.67 3.57 36.33
C SER C 252 9.88 3.31 37.82
N TYR C 253 10.26 2.09 38.17
CA TYR C 253 10.77 1.80 39.50
C TYR C 253 12.29 1.68 39.44
N ASN C 254 12.95 2.26 40.44
CA ASN C 254 14.41 2.31 40.44
C ASN C 254 14.97 1.06 41.13
N ASN C 261 13.69 -5.04 36.08
CA ASN C 261 14.09 -4.08 35.06
C ASN C 261 15.41 -4.52 34.43
N GLN C 262 15.33 -5.48 33.50
CA GLN C 262 16.53 -5.94 32.80
C GLN C 262 17.01 -4.91 31.78
N THR C 263 16.10 -4.28 31.05
CA THR C 263 16.48 -3.38 29.98
C THR C 263 15.58 -2.14 30.03
N ASN C 264 16.03 -1.08 29.35
CA ASN C 264 15.24 0.14 29.23
C ASN C 264 14.18 -0.11 28.16
N ARG C 265 13.04 -0.65 28.61
CA ARG C 265 11.98 -1.06 27.70
C ARG C 265 11.32 0.15 27.02
N LEU C 266 11.34 1.31 27.68
CA LEU C 266 10.77 2.51 27.08
C LEU C 266 11.58 2.98 25.87
N GLN C 267 12.91 2.89 25.96
CA GLN C 267 13.75 3.22 24.82
C GLN C 267 13.51 2.26 23.65
N ALA C 268 13.38 0.97 23.95
CA ALA C 268 13.05 -0.04 22.93
C ALA C 268 11.71 0.29 22.27
N ALA C 269 10.70 0.63 23.09
CA ALA C 269 9.40 1.06 22.58
C ALA C 269 9.50 2.27 21.67
N LEU C 270 10.32 3.25 22.04
CA LEU C 270 10.50 4.44 21.20
C LEU C 270 11.16 4.09 19.87
N LYS C 271 12.16 3.19 19.91
CA LYS C 271 12.83 2.77 18.69
C LYS C 271 11.89 1.99 17.79
N LEU C 272 11.07 1.12 18.38
CA LEU C 272 10.14 0.30 17.59
C LEU C 272 9.06 1.17 16.97
N PHE C 273 8.50 2.12 17.74
CA PHE C 273 7.55 3.07 17.21
C PHE C 273 8.15 3.93 16.10
N ASP C 274 9.44 4.29 16.22
CA ASP C 274 10.12 5.03 15.16
C ASP C 274 10.25 4.19 13.90
N SER C 275 10.59 2.91 14.07
CA SER C 275 10.71 1.99 12.95
C SER C 275 9.37 1.79 12.24
N ILE C 276 8.29 1.68 13.01
CA ILE C 276 6.95 1.55 12.44
C ILE C 276 6.57 2.83 11.70
N TRP C 277 6.94 4.00 12.26
CA TRP C 277 6.50 5.27 11.71
C TRP C 277 7.23 5.60 10.41
N ASN C 278 8.52 5.29 10.34
CA ASN C 278 9.33 5.63 9.18
C ASN C 278 9.41 4.50 8.15
N ASN C 279 8.72 3.38 8.39
CA ASN C 279 8.68 2.29 7.43
C ASN C 279 7.95 2.71 6.16
N LYS C 280 8.47 2.27 5.01
CA LYS C 280 8.02 2.78 3.72
C LYS C 280 6.58 2.39 3.41
N TRP C 281 6.15 1.21 3.87
CA TRP C 281 4.84 0.69 3.53
C TRP C 281 3.83 0.89 4.65
N LEU C 282 4.22 1.59 5.71
CA LEU C 282 3.30 1.95 6.79
C LEU C 282 3.07 3.46 6.83
N ARG C 283 3.08 4.12 5.67
CA ARG C 283 2.99 5.57 5.58
C ARG C 283 1.57 6.03 5.30
N ASP C 284 0.60 5.12 5.31
CA ASP C 284 -0.81 5.47 5.26
C ASP C 284 -1.61 4.83 6.38
N THR C 285 -0.95 4.14 7.31
CA THR C 285 -1.62 3.45 8.41
C THR C 285 -1.42 4.27 9.69
N SER C 286 -2.53 4.66 10.31
CA SER C 286 -2.47 5.40 11.55
C SER C 286 -2.18 4.47 12.73
N VAL C 287 -1.54 5.03 13.75
CA VAL C 287 -1.20 4.33 14.98
C VAL C 287 -1.93 4.97 16.15
N ILE C 288 -2.67 4.15 16.90
CA ILE C 288 -3.28 4.53 18.17
C ILE C 288 -2.33 4.01 19.24
N LEU C 289 -2.18 4.75 20.34
CA LEU C 289 -1.11 4.47 21.29
C LEU C 289 -1.66 4.41 22.71
N PHE C 290 -1.38 3.30 23.40
CA PHE C 290 -1.81 3.08 24.78
C PHE C 290 -0.59 3.05 25.69
N LEU C 291 -0.58 3.96 26.66
CA LEU C 291 0.39 3.94 27.75
C LEU C 291 -0.26 3.24 28.94
N ASN C 292 0.25 2.08 29.31
CA ASN C 292 -0.34 1.26 30.37
C ASN C 292 0.36 1.55 31.71
N LYS C 293 -0.21 0.99 32.78
CA LYS C 293 0.35 1.00 34.15
C LYS C 293 0.48 2.42 34.70
N GLN C 294 -0.51 3.26 34.40
CA GLN C 294 -0.56 4.60 34.99
C GLN C 294 -0.81 4.56 36.49
N ASP C 295 -1.65 3.63 36.94
CA ASP C 295 -1.84 3.43 38.38
C ASP C 295 -0.57 2.94 39.04
N LEU C 296 0.17 2.05 38.34
CA LEU C 296 1.47 1.63 38.81
C LEU C 296 2.47 2.80 38.83
N LEU C 297 2.37 3.71 37.86
CA LEU C 297 3.24 4.89 37.85
C LEU C 297 2.89 5.83 39.00
N ALA C 298 1.62 5.85 39.41
CA ALA C 298 1.25 6.57 40.63
C ALA C 298 1.87 5.91 41.85
N GLU C 299 1.86 4.57 41.89
CA GLU C 299 2.40 3.85 43.04
C GLU C 299 3.91 3.95 43.18
N LYS C 300 4.64 4.34 42.13
CA LYS C 300 6.10 4.28 42.12
C LYS C 300 6.77 5.64 42.29
N VAL C 301 6.00 6.71 42.52
CA VAL C 301 6.60 8.00 42.86
C VAL C 301 7.22 7.95 44.27
N LEU C 302 6.71 7.09 45.15
CA LEU C 302 7.20 7.03 46.52
C LEU C 302 8.34 6.02 46.70
N ALA C 303 9.06 5.70 45.63
CA ALA C 303 10.20 4.78 45.71
C ALA C 303 11.41 5.38 46.41
N GLY C 304 11.42 6.69 46.66
CA GLY C 304 12.57 7.37 47.22
C GLY C 304 13.51 7.94 46.17
N LYS C 305 13.46 7.43 44.95
CA LYS C 305 14.34 7.82 43.85
C LYS C 305 13.57 7.66 42.55
N SER C 306 14.12 8.21 41.48
CA SER C 306 13.43 8.27 40.19
C SER C 306 14.23 7.50 39.14
N LYS C 307 13.58 6.48 38.56
CA LYS C 307 14.12 5.75 37.41
C LYS C 307 14.26 6.64 36.18
N ILE C 308 13.17 7.35 35.81
CA ILE C 308 13.09 8.08 34.55
C ILE C 308 14.19 9.14 34.42
N GLU C 309 14.51 9.87 35.50
CA GLU C 309 15.57 10.88 35.42
C GLU C 309 16.94 10.23 35.23
N ASP C 310 17.15 9.05 35.82
CA ASP C 310 18.37 8.28 35.55
C ASP C 310 18.46 7.89 34.08
N TYR C 311 17.39 7.31 33.52
CA TYR C 311 17.43 6.88 32.13
C TYR C 311 17.18 8.00 31.13
N PHE C 312 16.63 9.13 31.54
CA PHE C 312 16.43 10.28 30.65
C PHE C 312 16.95 11.53 31.35
N PRO C 313 18.03 12.13 30.86
CA PRO C 313 18.58 13.33 31.51
C PRO C 313 17.80 14.61 31.23
N GLU C 314 16.80 14.56 30.36
CA GLU C 314 15.97 15.73 30.08
C GLU C 314 14.76 15.81 31.00
N PHE C 315 14.57 14.84 31.89
CA PHE C 315 13.38 14.82 32.74
C PHE C 315 13.45 15.91 33.80
N ALA C 316 14.65 16.22 34.30
CA ALA C 316 14.81 17.28 35.29
C ALA C 316 14.55 18.65 34.67
N ARG C 317 14.99 18.84 33.42
CA ARG C 317 14.83 20.11 32.71
C ARG C 317 13.54 20.08 31.88
N TYR C 318 12.45 19.70 32.53
CA TYR C 318 11.17 19.54 31.87
C TYR C 318 10.07 20.13 32.74
N THR C 319 9.13 20.84 32.11
CA THR C 319 8.04 21.49 32.79
C THR C 319 6.72 20.83 32.38
N THR C 320 5.79 20.77 33.32
CA THR C 320 4.45 20.30 33.02
C THR C 320 3.76 21.26 32.05
N PRO C 321 3.15 20.75 30.98
CA PRO C 321 2.44 21.63 30.03
C PRO C 321 1.27 22.36 30.66
N GLU C 322 1.26 23.69 30.48
CA GLU C 322 0.17 24.53 30.98
C GLU C 322 -1.17 24.18 30.34
N ASP C 323 -1.17 23.70 29.09
CA ASP C 323 -2.39 23.52 28.33
C ASP C 323 -2.99 22.13 28.45
N ALA C 324 -2.35 21.23 29.19
CA ALA C 324 -2.84 19.88 29.40
C ALA C 324 -3.26 19.76 30.87
N THR C 325 -4.56 19.80 31.11
CA THR C 325 -5.09 19.78 32.47
C THR C 325 -4.90 18.40 33.10
N PRO C 326 -4.37 18.32 34.32
CA PRO C 326 -4.36 17.04 35.04
C PRO C 326 -5.68 16.76 35.73
N GLU C 327 -6.02 15.46 35.82
CA GLU C 327 -7.12 15.02 36.65
C GLU C 327 -6.83 15.32 38.12
N PRO C 328 -7.88 15.48 38.94
CA PRO C 328 -7.66 15.70 40.37
C PRO C 328 -7.26 14.44 41.10
N GLY C 329 -6.45 14.63 42.14
CA GLY C 329 -6.00 13.53 42.97
C GLY C 329 -4.76 12.82 42.45
N GLU C 330 -4.00 13.45 41.55
CA GLU C 330 -2.79 12.88 41.01
C GLU C 330 -1.58 13.70 41.42
N ASP C 331 -0.48 13.01 41.68
CA ASP C 331 0.77 13.64 42.09
C ASP C 331 1.40 14.31 40.89
N PRO C 332 1.65 15.64 40.92
CA PRO C 332 2.17 16.37 39.75
C PRO C 332 3.47 15.81 39.16
N ARG C 333 4.31 15.19 39.97
CA ARG C 333 5.45 14.40 39.50
C ARG C 333 5.02 13.36 38.46
N VAL C 334 4.07 12.50 38.86
CA VAL C 334 3.56 11.44 37.99
C VAL C 334 2.97 12.01 36.70
N THR C 335 2.28 13.15 36.81
CA THR C 335 1.67 13.78 35.65
C THR C 335 2.74 14.35 34.71
N ARG C 336 3.81 14.91 35.31
CA ARG C 336 4.97 15.37 34.55
C ARG C 336 5.62 14.22 33.79
N ALA C 337 5.79 13.08 34.45
CA ALA C 337 6.25 11.84 33.82
C ALA C 337 5.40 11.47 32.61
N LYS C 338 4.08 11.34 32.83
CA LYS C 338 3.12 10.98 31.78
C LYS C 338 3.25 11.90 30.57
N TYR C 339 3.29 13.21 30.82
CA TYR C 339 3.34 14.17 29.71
C TYR C 339 4.72 14.18 29.06
N PHE C 340 5.77 13.87 29.82
CA PHE C 340 7.11 13.74 29.24
C PHE C 340 7.17 12.59 28.24
N ILE C 341 6.65 11.42 28.64
CA ILE C 341 6.65 10.26 27.75
C ILE C 341 5.75 10.51 26.54
N ARG C 342 4.62 11.20 26.76
CA ARG C 342 3.73 11.55 25.65
C ARG C 342 4.41 12.52 24.69
N ASP C 343 5.23 13.44 25.21
CA ASP C 343 5.94 14.37 24.35
C ASP C 343 7.07 13.68 23.59
N GLU C 344 7.74 12.71 24.21
CA GLU C 344 8.66 11.81 23.51
C GLU C 344 8.00 11.19 22.27
N PHE C 345 6.84 10.55 22.47
CA PHE C 345 6.18 9.89 21.35
C PHE C 345 5.64 10.90 20.33
N LEU C 346 5.24 12.08 20.78
CA LEU C 346 4.74 13.08 19.85
C LEU C 346 5.87 13.73 19.07
N ARG C 347 7.05 13.87 19.69
CA ARG C 347 8.23 14.38 18.99
C ARG C 347 8.66 13.43 17.88
N ILE C 348 8.70 12.12 18.20
CA ILE C 348 8.92 11.09 17.18
C ILE C 348 7.90 11.18 16.05
N SER C 349 6.61 11.31 16.39
CA SER C 349 5.57 11.33 15.36
C SER C 349 5.57 12.63 14.56
N THR C 350 6.04 13.73 15.15
CA THR C 350 6.03 15.03 14.52
C THR C 350 7.31 15.31 13.72
N ALA C 351 8.37 14.54 13.97
CA ALA C 351 9.65 14.76 13.29
C ALA C 351 9.55 14.59 11.78
N SER C 352 8.91 13.50 11.34
CA SER C 352 8.72 13.29 9.90
C SER C 352 7.78 14.33 9.31
N GLY C 353 6.68 14.61 9.98
CA GLY C 353 5.69 15.59 9.54
C GLY C 353 5.05 15.34 8.19
N ASP C 354 4.82 14.07 7.84
CA ASP C 354 4.24 13.74 6.54
C ASP C 354 2.79 14.20 6.46
N GLY C 355 2.02 14.03 7.54
CA GLY C 355 0.60 14.31 7.54
C GLY C 355 -0.29 13.28 6.87
N ARG C 356 0.28 12.26 6.24
CA ARG C 356 -0.54 11.18 5.67
C ARG C 356 -1.15 10.32 6.77
N HIS C 357 -0.39 10.02 7.82
CA HIS C 357 -0.83 9.20 8.92
C HIS C 357 -0.49 9.88 10.24
N TYR C 358 -1.28 9.58 11.27
CA TYR C 358 -1.24 10.33 12.52
C TYR C 358 -1.05 9.37 13.68
N CYS C 359 -0.76 9.96 14.85
CA CYS C 359 -0.49 9.22 16.08
C CYS C 359 -1.40 9.76 17.17
N TYR C 360 -2.06 8.86 17.89
CA TYR C 360 -3.08 9.24 18.87
C TYR C 360 -2.64 8.72 20.23
N PRO C 361 -2.17 9.57 21.14
CA PRO C 361 -1.80 9.08 22.48
C PRO C 361 -3.01 9.08 23.42
N HIS C 362 -3.14 7.98 24.17
CA HIS C 362 -4.18 7.86 25.17
C HIS C 362 -3.61 7.20 26.41
N PHE C 363 -4.34 7.34 27.52
CA PHE C 363 -3.96 6.75 28.79
C PHE C 363 -4.91 5.59 29.09
N THR C 364 -4.43 4.65 29.90
CA THR C 364 -5.25 3.53 30.33
C THR C 364 -4.75 3.02 31.66
N CYS C 365 -5.67 2.50 32.46
CA CYS C 365 -5.36 1.85 33.73
C CYS C 365 -5.26 0.35 33.55
N ALA C 366 -4.82 -0.32 34.62
CA ALA C 366 -4.73 -1.78 34.61
C ALA C 366 -6.10 -2.44 34.48
N VAL C 367 -7.14 -1.81 35.04
CA VAL C 367 -8.52 -2.22 34.84
C VAL C 367 -9.31 -0.99 34.42
N ASP C 368 -9.90 -1.03 33.22
CA ASP C 368 -10.60 0.12 32.66
C ASP C 368 -11.53 -0.38 31.57
N THR C 369 -12.58 0.40 31.30
CA THR C 369 -13.63 0.02 30.37
C THR C 369 -13.83 0.99 29.23
N GLU C 370 -13.32 2.22 29.32
CA GLU C 370 -13.51 3.24 28.29
C GLU C 370 -12.69 2.98 27.02
N ASN C 371 -11.72 2.05 27.09
CA ASN C 371 -10.76 1.80 26.01
C ASN C 371 -11.43 1.55 24.67
N ILE C 372 -12.46 0.70 24.65
CA ILE C 372 -13.19 0.35 23.43
C ILE C 372 -13.81 1.60 22.80
N ARG C 373 -14.36 2.50 23.63
CA ARG C 373 -14.98 3.72 23.13
C ARG C 373 -13.93 4.64 22.52
N ARG C 374 -12.75 4.69 23.16
CA ARG C 374 -11.61 5.44 22.62
C ARG C 374 -11.21 4.92 21.24
N VAL C 375 -11.08 3.60 21.12
CA VAL C 375 -10.68 2.99 19.85
C VAL C 375 -11.73 3.23 18.78
N PHE C 376 -13.01 3.19 19.15
CA PHE C 376 -14.10 3.52 18.22
C PHE C 376 -14.01 4.96 17.75
N ASN C 377 -13.77 5.90 18.66
CA ASN C 377 -13.73 7.31 18.30
C ASN C 377 -12.51 7.62 17.45
N ASP C 378 -11.40 6.94 17.72
CA ASP C 378 -10.19 7.17 16.94
C ASP C 378 -10.25 6.53 15.57
N CYS C 379 -10.91 5.37 15.43
CA CYS C 379 -11.21 4.83 14.10
C CYS C 379 -12.14 5.75 13.32
N ARG C 380 -13.09 6.38 14.02
CA ARG C 380 -13.97 7.36 13.38
C ARG C 380 -13.17 8.54 12.85
N ASP C 381 -12.22 9.03 13.67
CA ASP C 381 -11.37 10.15 13.26
C ASP C 381 -10.46 9.76 12.09
N ILE C 382 -9.99 8.51 12.06
CA ILE C 382 -9.09 8.07 10.99
C ILE C 382 -9.85 7.96 9.67
N ILE C 383 -11.09 7.45 9.71
CA ILE C 383 -11.90 7.35 8.49
C ILE C 383 -12.30 8.74 8.00
N GLN C 384 -12.67 9.64 8.92
CA GLN C 384 -13.04 11.00 8.52
C GLN C 384 -11.85 11.75 7.92
N ARG C 385 -10.66 11.62 8.52
CA ARG C 385 -9.47 12.26 7.96
C ARG C 385 -9.06 11.64 6.63
N MET C 386 -9.33 10.35 6.42
CA MET C 386 -9.02 9.75 5.13
C MET C 386 -9.97 10.22 4.03
N HIS C 387 -11.26 10.38 4.37
CA HIS C 387 -12.20 10.97 3.43
C HIS C 387 -11.84 12.41 3.09
N LEU C 388 -11.48 13.21 4.12
CA LEU C 388 -11.04 14.58 3.86
C LEU C 388 -9.75 14.62 3.04
N ARG C 389 -8.88 13.61 3.21
CA ARG C 389 -7.68 13.50 2.37
C ARG C 389 -8.06 13.24 0.92
N GLN C 390 -9.10 12.42 0.69
CA GLN C 390 -9.48 12.07 -0.68
C GLN C 390 -10.06 13.26 -1.44
N TYR C 391 -10.65 14.23 -0.73
CA TYR C 391 -11.23 15.40 -1.37
C TYR C 391 -10.27 16.57 -1.51
N GLU C 392 -8.97 16.34 -1.28
CA GLU C 392 -7.90 17.36 -1.36
C GLU C 392 -8.19 18.56 -0.46
N LEU C 393 -8.64 18.28 0.77
CA LEU C 393 -9.00 19.33 1.71
C LEU C 393 -8.06 19.42 2.90
N LEU C 394 -7.19 18.45 3.10
CA LEU C 394 -6.18 18.53 4.17
C LEU C 394 -4.79 18.31 3.60
N GLU D 14 38.26 -23.05 23.92
CA GLU D 14 37.31 -23.98 23.32
C GLU D 14 36.55 -23.32 22.17
N LEU D 15 36.08 -22.10 22.39
CA LEU D 15 35.40 -21.36 21.33
C LEU D 15 36.38 -20.79 20.32
N ASP D 16 37.60 -20.46 20.76
CA ASP D 16 38.58 -19.83 19.87
C ASP D 16 39.14 -20.85 18.88
N GLN D 17 39.32 -22.09 19.31
CA GLN D 17 39.83 -23.14 18.44
C GLN D 17 38.76 -23.68 17.48
N LEU D 18 37.51 -23.24 17.63
CA LEU D 18 36.46 -23.57 16.68
C LEU D 18 36.15 -22.41 15.76
N ARG D 19 36.28 -21.17 16.23
CA ARG D 19 36.07 -20.02 15.37
C ARG D 19 37.26 -19.77 14.44
N GLN D 20 38.48 -20.03 14.91
CA GLN D 20 39.64 -19.93 14.01
C GLN D 20 39.60 -21.01 12.93
N GLU D 21 39.21 -22.23 13.30
CA GLU D 21 39.05 -23.29 12.29
C GLU D 21 37.90 -23.00 11.33
N ALA D 22 36.83 -22.34 11.80
CA ALA D 22 35.78 -21.87 10.89
C ALA D 22 36.32 -20.82 9.91
N GLU D 23 37.13 -19.89 10.40
CA GLU D 23 37.68 -18.85 9.51
C GLU D 23 38.69 -19.44 8.53
N GLN D 24 39.46 -20.44 8.97
CA GLN D 24 40.35 -21.17 8.06
C GLN D 24 39.58 -21.91 6.97
N LEU D 25 38.48 -22.58 7.34
CA LEU D 25 37.70 -23.30 6.32
C LEU D 25 36.99 -22.33 5.38
N LYS D 26 36.63 -21.14 5.85
CA LYS D 26 36.05 -20.15 4.94
C LYS D 26 37.10 -19.52 4.05
N ASN D 27 38.34 -19.37 4.54
CA ASN D 27 39.44 -18.94 3.67
C ASN D 27 39.76 -19.99 2.62
N GLN D 28 39.73 -21.28 3.00
CA GLN D 28 39.91 -22.37 2.04
C GLN D 28 38.83 -22.36 0.95
N ILE D 29 37.57 -22.13 1.34
CA ILE D 29 36.50 -22.04 0.36
C ILE D 29 36.67 -20.81 -0.55
N ARG D 30 37.11 -19.68 0.01
CA ARG D 30 37.35 -18.50 -0.81
C ARG D 30 38.54 -18.68 -1.74
N ASP D 31 39.54 -19.47 -1.32
CA ASP D 31 40.70 -19.68 -2.17
C ASP D 31 40.42 -20.71 -3.26
N ALA D 32 39.55 -21.70 -2.99
CA ALA D 32 39.11 -22.58 -4.06
C ALA D 32 38.16 -21.90 -5.03
N ARG D 33 37.44 -20.87 -4.59
CA ARG D 33 36.57 -20.16 -5.51
C ARG D 33 37.35 -19.15 -6.35
N LYS D 34 38.38 -18.53 -5.78
CA LYS D 34 39.25 -17.68 -6.59
C LYS D 34 40.16 -18.50 -7.50
N ALA D 35 40.54 -19.71 -7.07
CA ALA D 35 41.32 -20.59 -7.94
C ALA D 35 40.50 -21.09 -9.12
N CYS D 36 39.22 -21.42 -8.89
CA CYS D 36 38.40 -21.90 -10.00
C CYS D 36 37.81 -20.77 -10.85
N ALA D 37 38.05 -19.51 -10.48
CA ALA D 37 37.54 -18.36 -11.23
C ALA D 37 38.47 -18.06 -12.42
N ASP D 38 38.27 -18.82 -13.50
CA ASP D 38 39.15 -18.70 -14.65
C ASP D 38 38.79 -17.51 -15.52
N ALA D 39 37.50 -17.21 -15.65
CA ALA D 39 37.02 -16.01 -16.33
C ALA D 39 35.60 -15.74 -15.83
N THR D 40 34.91 -14.82 -16.51
CA THR D 40 33.52 -14.52 -16.23
C THR D 40 32.66 -14.84 -17.44
N LEU D 41 31.34 -14.95 -17.20
CA LEU D 41 30.39 -15.13 -18.30
C LEU D 41 30.32 -13.89 -19.18
N SER D 42 30.57 -12.71 -18.63
CA SER D 42 30.38 -11.47 -19.37
C SER D 42 31.52 -11.15 -20.33
N GLN D 43 32.61 -11.91 -20.28
CA GLN D 43 33.69 -11.79 -21.26
C GLN D 43 33.41 -12.64 -22.50
N ILE D 44 33.03 -13.90 -22.32
CA ILE D 44 32.88 -14.87 -23.40
C ILE D 44 31.57 -14.71 -24.15
N THR D 45 30.81 -13.66 -23.84
CA THR D 45 29.54 -13.39 -24.52
C THR D 45 29.55 -12.01 -25.19
N ASN D 46 30.73 -11.58 -25.64
CA ASN D 46 30.83 -10.33 -26.38
C ASN D 46 30.18 -10.42 -27.76
N ASN D 47 30.44 -11.51 -28.47
CA ASN D 47 29.92 -11.71 -29.82
C ASN D 47 28.64 -12.54 -29.78
N ILE D 48 27.64 -12.01 -29.08
CA ILE D 48 26.29 -12.58 -29.03
C ILE D 48 25.32 -11.52 -29.52
N ASP D 49 24.40 -11.92 -30.39
CA ASP D 49 23.40 -11.01 -30.94
C ASP D 49 22.43 -10.59 -29.83
N PRO D 50 22.22 -9.30 -29.61
CA PRO D 50 21.27 -8.88 -28.56
C PRO D 50 19.83 -9.17 -28.94
N VAL D 51 18.98 -9.19 -27.91
CA VAL D 51 17.62 -9.67 -28.02
C VAL D 51 16.69 -8.49 -28.38
N GLY D 52 17.26 -7.30 -28.51
CA GLY D 52 16.49 -6.13 -28.92
C GLY D 52 15.36 -5.75 -28.00
N ARG D 53 14.60 -4.70 -28.33
CA ARG D 53 13.59 -4.20 -27.42
C ARG D 53 12.41 -5.17 -27.39
N ILE D 54 12.23 -5.85 -26.26
CA ILE D 54 11.10 -6.75 -26.06
C ILE D 54 9.88 -5.91 -25.69
N GLN D 55 8.94 -5.80 -26.62
CA GLN D 55 7.74 -4.98 -26.44
C GLN D 55 6.53 -5.89 -26.27
N MET D 56 6.19 -6.17 -25.01
CA MET D 56 5.08 -7.05 -24.71
C MET D 56 3.82 -6.22 -24.50
N ARG D 57 2.66 -6.83 -24.76
CA ARG D 57 1.39 -6.14 -24.62
C ARG D 57 0.56 -6.86 -23.56
N THR D 58 -0.31 -6.10 -22.90
CA THR D 58 -1.27 -6.66 -21.98
C THR D 58 -2.45 -7.22 -22.75
N ARG D 59 -2.71 -8.52 -22.60
CA ARG D 59 -3.82 -9.16 -23.30
C ARG D 59 -5.08 -9.26 -22.46
N ARG D 60 -4.94 -9.46 -21.16
CA ARG D 60 -6.07 -9.66 -20.27
C ARG D 60 -5.83 -8.83 -19.02
N THR D 61 -6.90 -8.61 -18.25
CA THR D 61 -6.78 -7.95 -16.95
C THR D 61 -7.79 -8.58 -16.01
N LEU D 62 -7.31 -9.39 -15.07
CA LEU D 62 -8.20 -10.16 -14.21
C LEU D 62 -8.57 -9.32 -13.00
N ARG D 63 -9.87 -9.07 -12.83
CA ARG D 63 -10.42 -8.25 -11.77
C ARG D 63 -11.02 -9.17 -10.70
N GLY D 64 -11.82 -8.62 -9.80
CA GLY D 64 -12.56 -9.46 -8.88
C GLY D 64 -11.89 -9.75 -7.57
N HIS D 65 -10.80 -9.06 -7.26
CA HIS D 65 -10.17 -9.16 -5.94
C HIS D 65 -10.42 -7.88 -5.16
N LEU D 66 -10.34 -8.02 -3.84
CA LEU D 66 -10.67 -6.93 -2.93
C LEU D 66 -9.42 -6.40 -2.24
N ALA D 67 -8.68 -7.27 -1.58
CA ALA D 67 -7.41 -6.91 -0.99
C ALA D 67 -6.29 -7.18 -1.99
N LYS D 68 -5.05 -6.98 -1.56
CA LYS D 68 -3.90 -7.13 -2.42
C LYS D 68 -3.61 -8.60 -2.72
N ILE D 69 -3.17 -8.87 -3.94
CA ILE D 69 -2.82 -10.22 -4.37
C ILE D 69 -1.40 -10.49 -3.90
N TYR D 70 -1.15 -11.65 -3.29
CA TYR D 70 0.18 -11.87 -2.75
C TYR D 70 1.01 -12.90 -3.50
N ALA D 71 0.40 -13.98 -3.98
CA ALA D 71 1.17 -14.97 -4.74
C ALA D 71 0.29 -15.65 -5.76
N MET D 72 0.93 -16.20 -6.79
CA MET D 72 0.23 -16.94 -7.83
C MET D 72 1.14 -18.05 -8.33
N HIS D 73 0.55 -18.96 -9.10
CA HIS D 73 1.26 -20.17 -9.55
C HIS D 73 0.53 -20.75 -10.74
N TRP D 74 1.23 -20.87 -11.87
CA TRP D 74 0.66 -21.44 -13.08
C TRP D 74 0.60 -22.96 -12.99
N GLY D 75 -0.40 -23.54 -13.65
CA GLY D 75 -0.53 -24.97 -13.72
C GLY D 75 0.33 -25.57 -14.82
N THR D 76 0.44 -26.90 -14.81
CA THR D 76 1.28 -27.59 -15.78
C THR D 76 0.63 -27.68 -17.16
N ASP D 77 -0.66 -27.40 -17.27
CA ASP D 77 -1.36 -27.43 -18.55
C ASP D 77 -1.29 -26.11 -19.30
N SER D 78 -0.70 -25.07 -18.67
CA SER D 78 -0.62 -23.69 -19.16
C SER D 78 -1.99 -23.06 -19.33
N ARG D 79 -2.99 -23.54 -18.56
CA ARG D 79 -4.37 -23.13 -18.75
C ARG D 79 -4.90 -22.41 -17.51
N LEU D 80 -4.82 -23.05 -16.34
CA LEU D 80 -5.41 -22.53 -15.12
C LEU D 80 -4.32 -21.86 -14.29
N LEU D 81 -4.72 -20.89 -13.48
CA LEU D 81 -3.80 -20.31 -12.52
C LEU D 81 -4.49 -20.03 -11.19
N VAL D 82 -3.78 -20.25 -10.10
CA VAL D 82 -4.31 -19.99 -8.76
C VAL D 82 -3.83 -18.61 -8.32
N SER D 83 -4.76 -17.77 -7.85
CA SER D 83 -4.39 -16.50 -7.25
C SER D 83 -4.91 -16.44 -5.82
N ALA D 84 -4.14 -15.80 -4.96
CA ALA D 84 -4.42 -15.74 -3.53
C ALA D 84 -4.42 -14.30 -3.06
N SER D 85 -5.51 -13.88 -2.40
CA SER D 85 -5.66 -12.50 -1.98
C SER D 85 -5.59 -12.44 -0.46
N GLN D 86 -5.62 -11.23 0.08
CA GLN D 86 -5.53 -11.04 1.53
C GLN D 86 -6.89 -10.83 2.18
N ASP D 87 -7.97 -10.80 1.40
CA ASP D 87 -9.32 -10.79 1.97
C ASP D 87 -9.80 -12.16 2.40
N GLY D 88 -9.01 -13.20 2.13
CA GLY D 88 -9.40 -14.55 2.43
C GLY D 88 -9.93 -15.33 1.25
N LYS D 89 -9.74 -14.85 0.03
CA LYS D 89 -10.17 -15.55 -1.17
C LYS D 89 -9.00 -16.25 -1.87
N LEU D 90 -9.30 -17.43 -2.42
CA LEU D 90 -8.35 -18.21 -3.22
C LEU D 90 -9.08 -18.58 -4.51
N ILE D 91 -8.78 -17.86 -5.60
CA ILE D 91 -9.53 -18.01 -6.84
C ILE D 91 -8.72 -18.84 -7.83
N ILE D 92 -9.39 -19.74 -8.55
CA ILE D 92 -8.80 -20.48 -9.65
C ILE D 92 -9.29 -19.87 -10.95
N TRP D 93 -8.37 -19.39 -11.77
CA TRP D 93 -8.64 -18.64 -12.99
C TRP D 93 -8.40 -19.49 -14.22
N ASP D 94 -9.15 -19.19 -15.27
CA ASP D 94 -8.91 -19.71 -16.61
C ASP D 94 -8.34 -18.55 -17.41
N SER D 95 -7.10 -18.71 -17.89
CA SER D 95 -6.41 -17.59 -18.53
C SER D 95 -6.98 -17.23 -19.89
N TYR D 96 -7.53 -18.21 -20.62
CA TYR D 96 -8.07 -17.93 -21.95
C TYR D 96 -9.35 -17.10 -21.89
N THR D 97 -10.40 -17.64 -21.30
CA THR D 97 -11.72 -17.02 -21.31
C THR D 97 -11.94 -16.00 -20.20
N THR D 98 -11.00 -15.90 -19.24
CA THR D 98 -11.10 -15.06 -18.03
C THR D 98 -12.31 -15.43 -17.16
N ASN D 99 -12.72 -16.69 -17.20
CA ASN D 99 -13.80 -17.17 -16.34
C ASN D 99 -13.24 -17.72 -15.04
N LYS D 100 -13.89 -17.37 -13.94
CA LYS D 100 -13.54 -17.91 -12.63
C LYS D 100 -14.15 -19.30 -12.49
N VAL D 101 -13.31 -20.30 -12.22
CA VAL D 101 -13.75 -21.69 -12.18
C VAL D 101 -14.08 -22.13 -10.77
N HIS D 102 -13.28 -21.72 -9.79
CA HIS D 102 -13.58 -21.95 -8.39
C HIS D 102 -13.14 -20.73 -7.57
N ALA D 103 -13.90 -20.45 -6.51
CA ALA D 103 -13.51 -19.43 -5.54
C ALA D 103 -13.65 -20.03 -4.15
N ILE D 104 -12.56 -20.04 -3.40
CA ILE D 104 -12.51 -20.73 -2.12
C ILE D 104 -12.42 -19.69 -1.01
N PRO D 105 -13.30 -19.74 -0.01
CA PRO D 105 -13.16 -18.84 1.15
C PRO D 105 -12.32 -19.47 2.24
N LEU D 106 -11.39 -18.69 2.79
CA LEU D 106 -10.36 -19.20 3.67
C LEU D 106 -10.72 -18.92 5.13
N ARG D 107 -10.32 -19.82 6.02
CA ARG D 107 -10.58 -19.65 7.44
C ARG D 107 -9.80 -18.45 8.01
N SER D 108 -8.53 -18.35 7.69
CA SER D 108 -7.72 -17.21 8.07
C SER D 108 -7.63 -16.22 6.91
N SER D 109 -7.32 -14.96 7.24
CA SER D 109 -7.34 -13.94 6.20
C SER D 109 -6.02 -13.87 5.45
N TRP D 110 -4.90 -13.98 6.17
CA TRP D 110 -3.59 -13.70 5.60
C TRP D 110 -3.04 -14.94 4.92
N VAL D 111 -2.69 -14.80 3.65
CA VAL D 111 -2.08 -15.87 2.87
C VAL D 111 -0.80 -15.32 2.28
N MET D 112 0.27 -16.10 2.37
CA MET D 112 1.55 -15.71 1.82
C MET D 112 2.01 -16.63 0.72
N THR D 113 1.40 -17.82 0.59
CA THR D 113 1.79 -18.77 -0.44
C THR D 113 0.56 -19.52 -0.93
N CYS D 114 0.60 -19.89 -2.21
CA CYS D 114 -0.35 -20.82 -2.78
C CYS D 114 0.36 -21.64 -3.85
N ALA D 115 -0.16 -22.84 -4.09
CA ALA D 115 0.53 -23.81 -4.93
C ALA D 115 -0.46 -24.73 -5.59
N TYR D 116 -0.32 -24.92 -6.90
CA TYR D 116 -1.24 -25.72 -7.69
C TYR D 116 -0.51 -26.99 -8.08
N ALA D 117 -1.09 -28.14 -7.70
CA ALA D 117 -0.46 -29.44 -7.87
C ALA D 117 -0.21 -29.75 -9.35
N PRO D 118 0.85 -30.49 -9.68
CA PRO D 118 1.11 -30.81 -11.09
C PRO D 118 0.07 -31.70 -11.73
N SER D 119 -0.73 -32.43 -10.94
CA SER D 119 -1.81 -33.23 -11.47
C SER D 119 -3.11 -32.44 -11.59
N GLY D 120 -3.20 -31.28 -10.94
CA GLY D 120 -4.43 -30.50 -10.91
C GLY D 120 -5.46 -30.95 -9.90
N ASN D 121 -5.15 -31.96 -9.07
CA ASN D 121 -6.11 -32.41 -8.08
C ASN D 121 -6.11 -31.57 -6.81
N TYR D 122 -4.96 -31.04 -6.39
CA TYR D 122 -4.86 -30.36 -5.10
C TYR D 122 -4.46 -28.91 -5.29
N VAL D 123 -4.80 -28.09 -4.28
CA VAL D 123 -4.34 -26.71 -4.17
C VAL D 123 -3.96 -26.44 -2.72
N ALA D 124 -2.77 -25.90 -2.49
CA ALA D 124 -2.28 -25.66 -1.15
C ALA D 124 -2.19 -24.16 -0.91
N CYS D 125 -2.42 -23.75 0.34
CA CYS D 125 -2.29 -22.35 0.68
C CYS D 125 -1.74 -22.21 2.10
N GLY D 126 -1.07 -21.09 2.35
CA GLY D 126 -0.47 -20.87 3.65
C GLY D 126 -0.16 -19.41 3.89
N GLY D 127 0.11 -19.10 5.16
CA GLY D 127 0.30 -17.73 5.58
C GLY D 127 0.65 -17.62 7.06
N LEU D 128 0.06 -16.63 7.74
CA LEU D 128 0.44 -16.33 9.12
C LEU D 128 -0.09 -17.36 10.11
N ASP D 129 -1.15 -18.09 9.75
CA ASP D 129 -1.84 -19.02 10.64
C ASP D 129 -0.98 -20.21 11.10
N ASN D 130 0.21 -20.41 10.52
CA ASN D 130 1.14 -21.53 10.75
C ASN D 130 0.59 -22.86 10.25
N ILE D 131 -0.41 -22.83 9.37
CA ILE D 131 -1.12 -24.02 8.95
C ILE D 131 -1.18 -24.01 7.43
N CYS D 132 -0.74 -25.11 6.81
CA CYS D 132 -0.83 -25.27 5.37
C CYS D 132 -2.11 -26.02 5.05
N SER D 133 -3.03 -25.38 4.35
CA SER D 133 -4.31 -26.00 4.02
C SER D 133 -4.24 -26.57 2.62
N ILE D 134 -4.38 -27.90 2.51
CA ILE D 134 -4.39 -28.60 1.24
C ILE D 134 -5.85 -28.94 0.93
N TYR D 135 -6.34 -28.39 -0.18
CA TYR D 135 -7.70 -28.53 -0.67
C TYR D 135 -7.76 -29.52 -1.83
N ASN D 136 -8.78 -30.37 -1.83
CA ASN D 136 -9.00 -31.34 -2.89
C ASN D 136 -9.99 -30.76 -3.89
N LEU D 137 -9.62 -30.80 -5.18
CA LEU D 137 -10.47 -30.32 -6.26
C LEU D 137 -11.24 -31.43 -6.98
N LYS D 138 -11.18 -32.66 -6.48
CA LYS D 138 -12.06 -33.72 -7.01
C LYS D 138 -13.52 -33.38 -6.79
N THR D 139 -13.94 -33.26 -5.52
CA THR D 139 -15.22 -32.71 -5.08
C THR D 139 -16.42 -33.46 -5.67
N ARG D 140 -16.43 -34.77 -5.42
CA ARG D 140 -17.55 -35.64 -5.80
C ARG D 140 -18.91 -35.15 -5.30
N GLU D 141 -18.94 -34.49 -4.14
CA GLU D 141 -20.16 -33.81 -3.70
C GLU D 141 -20.49 -32.61 -4.58
N GLY D 142 -19.46 -31.89 -5.05
CA GLY D 142 -19.66 -30.67 -5.80
C GLY D 142 -19.29 -29.40 -5.06
N ASN D 143 -18.80 -29.50 -3.83
CA ASN D 143 -18.27 -28.35 -3.10
C ASN D 143 -16.82 -28.61 -2.72
N VAL D 144 -15.99 -27.57 -2.88
CA VAL D 144 -14.62 -27.61 -2.38
C VAL D 144 -14.62 -27.74 -0.86
N ARG D 145 -13.69 -28.54 -0.34
CA ARG D 145 -13.61 -28.87 1.07
C ARG D 145 -12.15 -29.03 1.45
N VAL D 146 -11.87 -28.73 2.73
CA VAL D 146 -10.51 -28.83 3.25
C VAL D 146 -10.12 -30.31 3.28
N SER D 147 -9.17 -30.71 2.45
CA SER D 147 -8.73 -32.11 2.47
C SER D 147 -7.92 -32.37 3.74
N ARG D 148 -6.92 -31.53 4.02
CA ARG D 148 -6.07 -31.76 5.20
C ARG D 148 -5.25 -30.53 5.52
N GLU D 149 -5.17 -30.20 6.81
CA GLU D 149 -4.48 -29.03 7.29
C GLU D 149 -3.24 -29.46 8.06
N LEU D 150 -2.12 -28.79 7.80
CA LEU D 150 -0.83 -29.13 8.39
C LEU D 150 -0.42 -28.06 9.40
N ALA D 151 0.00 -28.52 10.59
CA ALA D 151 0.40 -27.62 11.67
C ALA D 151 1.64 -28.22 12.33
N GLY D 152 2.82 -27.73 11.95
CA GLY D 152 4.02 -28.09 12.67
C GLY D 152 5.10 -27.03 12.69
N HIS D 153 4.73 -25.77 12.49
CA HIS D 153 5.69 -24.68 12.48
C HIS D 153 5.40 -23.71 13.63
N THR D 154 6.38 -22.89 13.96
CA THR D 154 6.27 -21.94 15.06
C THR D 154 6.46 -20.49 14.62
N GLY D 155 6.62 -20.24 13.33
CA GLY D 155 6.94 -18.93 12.82
C GLY D 155 5.81 -18.37 11.98
N TYR D 156 6.05 -18.28 10.67
CA TYR D 156 5.04 -17.91 9.70
C TYR D 156 5.38 -18.69 8.43
N LEU D 157 4.37 -19.02 7.65
CA LEU D 157 4.56 -19.90 6.50
C LEU D 157 4.67 -19.05 5.23
N SER D 158 5.85 -19.12 4.59
CA SER D 158 6.26 -18.14 3.59
C SER D 158 6.20 -18.68 2.17
N CYS D 159 6.57 -19.93 1.95
CA CYS D 159 6.39 -20.55 0.65
C CYS D 159 6.11 -22.04 0.81
N CYS D 160 5.42 -22.61 -0.18
CA CYS D 160 5.22 -24.05 -0.26
C CYS D 160 5.10 -24.45 -1.73
N ARG D 161 5.49 -25.69 -2.02
CA ARG D 161 5.54 -26.21 -3.39
C ARG D 161 5.22 -27.70 -3.36
N PHE D 162 4.58 -28.17 -4.43
CA PHE D 162 4.28 -29.60 -4.57
C PHE D 162 5.38 -30.33 -5.32
N LEU D 163 5.90 -31.38 -4.70
CA LEU D 163 6.73 -32.32 -5.46
C LEU D 163 5.86 -33.22 -6.32
N ASP D 164 4.74 -33.68 -5.76
CA ASP D 164 3.78 -34.59 -6.39
C ASP D 164 2.48 -34.53 -5.59
N ASP D 165 1.61 -35.52 -5.76
CA ASP D 165 0.32 -35.48 -5.09
C ASP D 165 0.40 -35.85 -3.61
N ASN D 166 1.41 -36.61 -3.20
CA ASN D 166 1.48 -37.12 -1.83
C ASN D 166 2.55 -36.46 -0.97
N GLN D 167 3.35 -35.54 -1.52
CA GLN D 167 4.41 -34.90 -0.74
C GLN D 167 4.43 -33.40 -1.03
N ILE D 168 4.69 -32.61 0.00
CA ILE D 168 4.73 -31.16 -0.13
C ILE D 168 5.91 -30.60 0.68
N VAL D 169 6.67 -29.70 0.06
CA VAL D 169 7.76 -29.00 0.72
C VAL D 169 7.19 -27.65 1.16
N THR D 170 7.55 -27.22 2.38
CA THR D 170 7.08 -25.95 2.92
C THR D 170 8.25 -25.18 3.53
N SER D 171 8.12 -23.87 3.51
CA SER D 171 9.15 -22.96 3.98
C SER D 171 8.58 -22.05 5.06
N SER D 172 9.25 -21.97 6.19
CA SER D 172 8.69 -21.38 7.39
C SER D 172 9.43 -20.09 7.72
N GLY D 173 8.95 -19.41 8.76
CA GLY D 173 9.63 -18.26 9.31
C GLY D 173 10.35 -18.48 10.63
N ASP D 174 10.57 -19.73 11.04
CA ASP D 174 11.38 -20.04 12.22
C ASP D 174 12.66 -20.77 11.84
N THR D 175 13.29 -20.32 10.75
CA THR D 175 14.59 -20.74 10.21
C THR D 175 14.62 -22.18 9.71
N THR D 176 13.46 -22.84 9.60
CA THR D 176 13.39 -24.24 9.22
C THR D 176 12.56 -24.42 7.95
N CYS D 177 12.91 -25.43 7.18
CA CYS D 177 12.09 -25.93 6.08
C CYS D 177 11.55 -27.30 6.46
N ALA D 178 10.44 -27.70 5.85
CA ALA D 178 9.86 -29.00 6.18
C ALA D 178 9.43 -29.75 4.93
N LEU D 179 9.56 -31.07 4.98
CA LEU D 179 9.02 -31.96 3.95
C LEU D 179 7.97 -32.83 4.62
N TRP D 180 6.74 -32.74 4.14
CA TRP D 180 5.58 -33.37 4.75
C TRP D 180 5.23 -34.66 4.02
N ASP D 181 4.41 -35.48 4.67
CA ASP D 181 3.63 -36.52 3.99
C ASP D 181 2.16 -36.17 4.08
N ILE D 182 1.49 -36.07 2.93
CA ILE D 182 0.13 -35.56 2.90
C ILE D 182 -0.85 -36.66 3.32
N GLU D 183 -0.50 -37.93 3.08
CA GLU D 183 -1.32 -39.04 3.54
C GLU D 183 -1.41 -39.09 5.07
N THR D 184 -0.27 -39.09 5.75
CA THR D 184 -0.27 -39.20 7.20
C THR D 184 -0.52 -37.87 7.89
N GLY D 185 -0.12 -36.76 7.28
CA GLY D 185 -0.19 -35.46 7.91
C GLY D 185 1.03 -35.06 8.72
N GLN D 186 2.07 -35.88 8.75
CA GLN D 186 3.24 -35.63 9.57
C GLN D 186 4.39 -35.11 8.72
N GLN D 187 5.40 -34.56 9.39
CA GLN D 187 6.60 -34.10 8.71
C GLN D 187 7.49 -35.29 8.39
N THR D 188 7.74 -35.52 7.09
CA THR D 188 8.63 -36.61 6.71
C THR D 188 10.06 -36.30 7.11
N THR D 189 10.50 -35.06 6.90
CA THR D 189 11.79 -34.61 7.43
C THR D 189 11.74 -33.09 7.63
N THR D 190 12.85 -32.55 8.14
CA THR D 190 12.97 -31.12 8.33
C THR D 190 14.40 -30.69 8.07
N PHE D 191 14.54 -29.42 7.70
CA PHE D 191 15.77 -28.84 7.16
C PHE D 191 16.14 -27.64 8.03
N THR D 192 17.16 -27.80 8.87
CA THR D 192 17.56 -26.79 9.85
C THR D 192 19.00 -26.39 9.55
N GLY D 193 19.18 -25.41 8.67
CA GLY D 193 20.49 -24.85 8.44
C GLY D 193 20.57 -23.33 8.46
N HIS D 194 19.42 -22.67 8.38
CA HIS D 194 19.40 -21.22 8.24
C HIS D 194 19.59 -20.54 9.60
N THR D 195 19.75 -19.21 9.57
CA THR D 195 19.74 -18.38 10.76
C THR D 195 18.87 -17.14 10.57
N GLY D 196 17.90 -17.20 9.66
CA GLY D 196 16.89 -16.16 9.58
C GLY D 196 15.59 -16.61 8.97
N ASP D 197 14.71 -15.65 8.68
CA ASP D 197 13.46 -15.95 7.97
C ASP D 197 13.77 -16.47 6.57
N VAL D 198 13.19 -17.61 6.23
CA VAL D 198 13.35 -18.22 4.92
C VAL D 198 12.18 -17.78 4.05
N MET D 199 12.45 -16.99 3.01
CA MET D 199 11.37 -16.30 2.31
C MET D 199 10.73 -17.14 1.21
N SER D 200 11.53 -17.72 0.31
CA SER D 200 10.95 -18.53 -0.75
C SER D 200 11.89 -19.66 -1.12
N LEU D 201 11.36 -20.61 -1.89
CA LEU D 201 12.11 -21.73 -2.41
C LEU D 201 11.63 -22.02 -3.82
N SER D 202 12.42 -22.80 -4.55
CA SER D 202 12.08 -23.16 -5.92
C SER D 202 12.61 -24.55 -6.21
N LEU D 203 11.81 -25.36 -6.88
CA LEU D 203 12.09 -26.77 -7.09
C LEU D 203 12.78 -26.99 -8.42
N ALA D 204 13.73 -27.92 -8.43
CA ALA D 204 14.38 -28.34 -9.66
C ALA D 204 13.37 -29.06 -10.56
N PRO D 205 13.60 -29.05 -11.89
CA PRO D 205 12.76 -29.88 -12.79
C PRO D 205 12.71 -31.36 -12.48
N ASP D 206 13.84 -31.99 -12.15
CA ASP D 206 13.85 -33.41 -11.77
C ASP D 206 13.38 -33.67 -10.33
N THR D 207 12.91 -32.65 -9.61
CA THR D 207 12.41 -32.68 -8.23
C THR D 207 13.27 -33.48 -7.25
N ARG D 208 14.59 -33.37 -7.37
CA ARG D 208 15.52 -34.01 -6.43
C ARG D 208 16.20 -33.03 -5.50
N LEU D 209 16.60 -31.87 -6.01
CA LEU D 209 17.20 -30.80 -5.23
C LEU D 209 16.24 -29.62 -5.18
N PHE D 210 16.43 -28.74 -4.19
CA PHE D 210 15.83 -27.42 -4.30
C PHE D 210 16.66 -26.40 -3.54
N VAL D 211 16.47 -25.14 -3.89
CA VAL D 211 17.26 -24.04 -3.36
C VAL D 211 16.35 -23.19 -2.48
N SER D 212 16.93 -22.63 -1.43
CA SER D 212 16.18 -21.88 -0.43
C SER D 212 16.89 -20.58 -0.13
N GLY D 213 16.17 -19.47 -0.23
CA GLY D 213 16.70 -18.15 0.05
C GLY D 213 16.14 -17.58 1.33
N ALA D 214 17.03 -17.00 2.14
CA ALA D 214 16.67 -16.56 3.48
C ALA D 214 16.98 -15.09 3.69
N CYS D 215 16.94 -14.63 4.94
CA CYS D 215 17.16 -13.24 5.29
C CYS D 215 18.53 -13.02 5.92
N ASP D 216 19.48 -13.90 5.62
CA ASP D 216 20.87 -13.74 6.00
C ASP D 216 21.79 -13.63 4.79
N ALA D 217 21.22 -13.29 3.62
CA ALA D 217 21.91 -13.11 2.34
C ALA D 217 22.59 -14.40 1.86
N SER D 218 22.03 -15.54 2.23
CA SER D 218 22.56 -16.83 1.83
C SER D 218 21.48 -17.62 1.09
N ALA D 219 21.93 -18.49 0.18
CA ALA D 219 21.07 -19.46 -0.47
C ALA D 219 21.63 -20.85 -0.23
N LYS D 220 20.76 -21.75 0.22
CA LYS D 220 21.13 -23.13 0.53
C LYS D 220 20.64 -24.07 -0.55
N LEU D 221 21.45 -25.08 -0.87
CA LEU D 221 21.01 -26.16 -1.74
C LEU D 221 20.68 -27.39 -0.88
N TRP D 222 19.40 -27.77 -0.85
CA TRP D 222 18.91 -28.87 -0.04
C TRP D 222 18.60 -30.07 -0.90
N ASP D 223 18.96 -31.25 -0.39
CA ASP D 223 18.70 -32.53 -1.05
C ASP D 223 17.47 -33.15 -0.38
N VAL D 224 16.43 -33.39 -1.18
CA VAL D 224 15.14 -33.83 -0.65
C VAL D 224 15.25 -35.25 -0.07
N ARG D 225 15.91 -36.15 -0.79
CA ARG D 225 15.92 -37.56 -0.40
C ARG D 225 16.92 -37.82 0.73
N GLU D 226 18.07 -37.14 0.71
CA GLU D 226 19.08 -37.35 1.73
C GLU D 226 18.69 -36.68 3.04
N GLY D 227 18.36 -35.39 2.99
CA GLY D 227 17.91 -34.66 4.15
C GLY D 227 18.85 -33.61 4.73
N MET D 228 20.00 -33.36 4.11
CA MET D 228 20.91 -32.32 4.57
C MET D 228 21.29 -31.43 3.39
N CYS D 229 21.84 -30.26 3.69
CA CYS D 229 22.25 -29.31 2.68
C CYS D 229 23.67 -29.56 2.22
N ARG D 230 23.95 -29.15 0.99
CA ARG D 230 25.23 -29.45 0.34
C ARG D 230 26.06 -28.21 0.02
N GLN D 231 25.43 -27.11 -0.41
CA GLN D 231 26.15 -25.90 -0.77
C GLN D 231 25.48 -24.68 -0.17
N THR D 232 26.30 -23.68 0.14
CA THR D 232 25.86 -22.38 0.65
C THR D 232 26.45 -21.28 -0.23
N PHE D 233 25.60 -20.39 -0.73
CA PHE D 233 26.01 -19.31 -1.61
C PHE D 233 25.72 -17.97 -0.94
N THR D 234 26.78 -17.20 -0.69
CA THR D 234 26.67 -15.93 0.03
C THR D 234 27.23 -14.83 -0.87
N GLY D 235 26.38 -14.29 -1.73
CA GLY D 235 26.81 -13.24 -2.63
C GLY D 235 26.09 -11.93 -2.44
N HIS D 236 25.06 -11.92 -1.60
CA HIS D 236 24.16 -10.79 -1.48
C HIS D 236 24.52 -9.92 -0.27
N GLU D 237 23.84 -8.77 -0.19
CA GLU D 237 24.06 -7.81 0.87
C GLU D 237 22.88 -7.66 1.82
N SER D 238 21.68 -8.06 1.40
CA SER D 238 20.48 -7.88 2.19
C SER D 238 19.60 -9.12 2.01
N ASP D 239 18.33 -8.98 2.39
CA ASP D 239 17.40 -10.11 2.44
C ASP D 239 17.07 -10.61 1.04
N ILE D 240 17.14 -11.93 0.84
CA ILE D 240 16.79 -12.56 -0.43
C ILE D 240 15.30 -12.87 -0.43
N ASN D 241 14.57 -12.31 -1.39
CA ASN D 241 13.12 -12.44 -1.44
C ASN D 241 12.64 -13.56 -2.36
N ALA D 242 13.07 -13.56 -3.61
CA ALA D 242 12.70 -14.62 -4.54
C ALA D 242 13.91 -15.44 -4.97
N ILE D 243 13.61 -16.60 -5.56
CA ILE D 243 14.62 -17.51 -6.07
C ILE D 243 13.93 -18.40 -7.12
N CYS D 244 14.69 -18.78 -8.16
CA CYS D 244 14.13 -19.54 -9.27
C CYS D 244 15.25 -20.19 -10.08
N PHE D 245 15.01 -21.42 -10.52
CA PHE D 245 16.01 -22.17 -11.27
C PHE D 245 16.03 -21.76 -12.74
N PHE D 246 17.23 -21.81 -13.31
CA PHE D 246 17.39 -21.86 -14.76
C PHE D 246 16.84 -23.20 -15.24
N PRO D 247 16.14 -23.23 -16.40
CA PRO D 247 15.40 -24.44 -16.82
C PRO D 247 16.17 -25.77 -16.87
N ASN D 248 17.49 -25.75 -17.04
CA ASN D 248 18.21 -27.02 -17.10
C ASN D 248 18.53 -27.58 -15.72
N GLY D 249 18.38 -26.79 -14.67
CA GLY D 249 18.67 -27.20 -13.31
C GLY D 249 20.12 -27.08 -12.88
N ASN D 250 20.95 -26.37 -13.61
CA ASN D 250 22.37 -26.24 -13.29
C ASN D 250 22.77 -24.81 -12.92
N ALA D 251 21.82 -23.93 -12.65
CA ALA D 251 22.06 -22.53 -12.34
C ALA D 251 20.76 -21.94 -11.82
N PHE D 252 20.86 -20.83 -11.07
CA PHE D 252 19.65 -20.24 -10.52
C PHE D 252 19.87 -18.78 -10.16
N ALA D 253 18.81 -18.00 -10.30
CA ALA D 253 18.85 -16.56 -10.14
C ALA D 253 18.10 -16.15 -8.88
N THR D 254 18.63 -15.18 -8.15
CA THR D 254 18.06 -14.69 -6.91
C THR D 254 17.84 -13.19 -7.00
N GLY D 255 16.87 -12.71 -6.22
CA GLY D 255 16.59 -11.30 -6.11
C GLY D 255 16.53 -10.80 -4.68
N SER D 256 17.39 -9.84 -4.33
CA SER D 256 17.51 -9.35 -2.98
C SER D 256 16.86 -7.97 -2.85
N ASP D 257 17.06 -7.34 -1.69
CA ASP D 257 16.62 -5.98 -1.46
C ASP D 257 17.70 -4.92 -1.71
N ASP D 258 18.94 -5.32 -1.96
CA ASP D 258 19.97 -4.38 -2.44
C ASP D 258 19.82 -3.95 -3.94
N ALA D 259 18.69 -4.26 -4.58
CA ALA D 259 18.25 -3.88 -5.93
C ALA D 259 18.96 -4.66 -7.02
N THR D 260 19.85 -5.60 -6.67
CA THR D 260 20.60 -6.36 -7.67
C THR D 260 20.02 -7.76 -7.78
N CYS D 261 19.90 -8.26 -9.01
CA CYS D 261 19.69 -9.68 -9.24
C CYS D 261 21.04 -10.37 -9.35
N ARG D 262 21.09 -11.64 -8.97
CA ARG D 262 22.34 -12.37 -9.11
C ARG D 262 22.06 -13.74 -9.72
N LEU D 263 22.97 -14.19 -10.57
CA LEU D 263 22.87 -15.48 -11.23
C LEU D 263 24.02 -16.35 -10.79
N PHE D 264 23.69 -17.45 -10.11
CA PHE D 264 24.60 -18.37 -9.44
C PHE D 264 24.66 -19.67 -10.22
N ASP D 265 25.67 -20.47 -9.87
CA ASP D 265 25.96 -21.73 -10.53
C ASP D 265 26.18 -22.82 -9.49
N LEU D 266 25.77 -24.04 -9.82
CA LEU D 266 25.79 -25.14 -8.86
C LEU D 266 27.05 -25.98 -8.96
N ARG D 267 27.82 -25.83 -10.04
CA ARG D 267 29.07 -26.56 -10.21
C ARG D 267 30.30 -25.68 -10.04
N ALA D 268 30.22 -24.40 -10.42
CA ALA D 268 31.30 -23.47 -10.16
C ALA D 268 31.38 -23.07 -8.69
N ASP D 269 30.27 -23.23 -7.95
CA ASP D 269 30.17 -23.03 -6.51
C ASP D 269 30.42 -21.57 -6.13
N GLN D 270 29.98 -20.66 -6.99
CA GLN D 270 30.04 -19.22 -6.75
C GLN D 270 29.03 -18.56 -7.67
N GLU D 271 29.08 -17.23 -7.73
CA GLU D 271 28.16 -16.47 -8.57
C GLU D 271 28.74 -16.29 -9.96
N LEU D 272 27.85 -16.17 -10.94
CA LEU D 272 28.27 -15.98 -12.33
C LEU D 272 28.05 -14.56 -12.81
N MET D 273 26.95 -13.92 -12.42
CA MET D 273 26.69 -12.59 -12.96
C MET D 273 25.83 -11.80 -11.99
N THR D 274 25.93 -10.46 -12.07
CA THR D 274 25.12 -9.55 -11.29
C THR D 274 24.40 -8.57 -12.21
N TYR D 275 23.12 -8.37 -11.95
CA TYR D 275 22.23 -7.54 -12.76
C TYR D 275 21.88 -6.31 -11.93
N SER D 276 22.26 -5.14 -12.42
CA SER D 276 22.10 -3.91 -11.64
C SER D 276 22.07 -2.72 -12.59
N HIS D 277 21.25 -1.73 -12.22
CA HIS D 277 21.08 -0.53 -13.02
C HIS D 277 21.05 0.67 -12.08
N ASP D 278 21.73 1.74 -12.47
CA ASP D 278 22.06 2.81 -11.53
C ASP D 278 20.84 3.63 -11.13
N ASN D 279 19.83 3.70 -12.00
CA ASN D 279 18.61 4.45 -11.71
C ASN D 279 17.61 3.67 -10.87
N ILE D 280 17.95 2.46 -10.43
CA ILE D 280 17.01 1.58 -9.74
C ILE D 280 17.55 1.33 -8.34
N ILE D 281 16.81 1.77 -7.33
CA ILE D 281 17.23 1.65 -5.94
C ILE D 281 16.13 1.00 -5.12
N CYS D 282 15.26 0.25 -5.79
CA CYS D 282 14.12 -0.38 -5.13
C CYS D 282 14.30 -1.90 -5.08
N GLY D 283 13.57 -2.52 -4.15
CA GLY D 283 13.73 -3.92 -3.90
C GLY D 283 13.17 -4.80 -5.00
N ILE D 284 13.58 -6.06 -4.98
CA ILE D 284 13.06 -7.09 -5.87
C ILE D 284 12.09 -7.94 -5.07
N THR D 285 10.91 -8.22 -5.64
CA THR D 285 9.93 -9.03 -4.96
C THR D 285 9.54 -10.31 -5.66
N SER D 286 9.90 -10.49 -6.94
CA SER D 286 9.77 -11.78 -7.62
C SER D 286 10.66 -11.78 -8.85
N VAL D 287 11.24 -12.96 -9.14
CA VAL D 287 11.87 -13.22 -10.42
C VAL D 287 11.29 -14.49 -11.00
N SER D 288 11.55 -14.72 -12.29
CA SER D 288 11.24 -15.95 -13.00
C SER D 288 11.94 -15.96 -14.35
N PHE D 289 12.58 -17.06 -14.71
CA PHE D 289 13.13 -17.19 -16.06
C PHE D 289 12.02 -17.40 -17.08
N SER D 290 12.42 -17.32 -18.34
CA SER D 290 11.58 -17.72 -19.47
C SER D 290 11.83 -19.19 -19.76
N LYS D 291 11.23 -19.69 -20.85
CA LYS D 291 11.29 -21.11 -21.15
C LYS D 291 12.67 -21.49 -21.63
N SER D 292 13.22 -20.72 -22.57
CA SER D 292 14.57 -21.00 -23.05
C SER D 292 15.63 -20.58 -22.05
N GLY D 293 15.35 -19.56 -21.25
CA GLY D 293 16.30 -19.05 -20.29
C GLY D 293 17.04 -17.81 -20.72
N ARG D 294 16.77 -17.31 -21.93
CA ARG D 294 17.50 -16.15 -22.44
C ARG D 294 16.98 -14.84 -21.86
N LEU D 295 15.69 -14.74 -21.57
CA LEU D 295 15.16 -13.61 -20.83
C LEU D 295 15.00 -13.97 -19.36
N LEU D 296 15.31 -13.01 -18.49
CA LEU D 296 15.03 -13.12 -17.07
C LEU D 296 14.10 -11.99 -16.67
N LEU D 297 12.92 -12.35 -16.18
CA LEU D 297 11.94 -11.36 -15.75
C LEU D 297 12.14 -11.07 -14.28
N ALA D 298 12.07 -9.79 -13.91
CA ALA D 298 12.32 -9.40 -12.54
C ALA D 298 11.30 -8.37 -12.10
N GLY D 299 10.59 -8.67 -11.02
CA GLY D 299 9.58 -7.75 -10.53
C GLY D 299 10.14 -6.85 -9.46
N TYR D 300 10.18 -5.55 -9.75
CA TYR D 300 10.80 -4.59 -8.84
C TYR D 300 9.72 -3.84 -8.04
N ASP D 301 10.20 -3.07 -7.06
CA ASP D 301 9.33 -2.37 -6.14
C ASP D 301 8.86 -1.01 -6.68
N ASP D 302 9.48 -0.51 -7.74
CA ASP D 302 9.11 0.78 -8.33
C ASP D 302 8.09 0.64 -9.48
N PHE D 303 7.18 -0.33 -9.35
CA PHE D 303 5.91 -0.41 -10.09
C PHE D 303 6.11 -0.81 -11.56
N ASN D 304 7.06 -1.70 -11.83
CA ASN D 304 7.29 -2.21 -13.18
C ASN D 304 8.13 -3.48 -13.11
N CYS D 305 8.05 -4.28 -14.18
CA CYS D 305 8.76 -5.56 -14.27
C CYS D 305 9.79 -5.47 -15.39
N ASN D 306 11.07 -5.59 -15.05
CA ASN D 306 12.12 -5.41 -16.04
C ASN D 306 12.52 -6.74 -16.68
N VAL D 307 12.72 -6.69 -17.99
CA VAL D 307 13.01 -7.87 -18.81
C VAL D 307 14.50 -7.81 -19.12
N TRP D 308 15.30 -8.50 -18.29
CA TRP D 308 16.75 -8.50 -18.45
C TRP D 308 17.17 -9.54 -19.49
N ASP D 309 18.16 -9.19 -20.30
CA ASP D 309 18.85 -10.16 -21.13
C ASP D 309 19.77 -10.98 -20.23
N ALA D 310 19.48 -12.27 -20.07
CA ALA D 310 20.13 -13.10 -19.06
C ALA D 310 21.50 -13.62 -19.49
N LEU D 311 22.10 -13.12 -20.57
CA LEU D 311 23.48 -13.43 -20.90
C LEU D 311 24.31 -12.20 -21.25
N LYS D 312 23.71 -11.01 -21.23
CA LYS D 312 24.42 -9.77 -21.53
C LYS D 312 24.38 -8.78 -20.38
N ALA D 313 23.53 -9.01 -19.36
CA ALA D 313 23.28 -8.12 -18.23
C ALA D 313 22.87 -6.72 -18.67
N ASP D 314 21.95 -6.68 -19.63
CA ASP D 314 21.35 -5.44 -20.10
C ASP D 314 19.84 -5.58 -20.05
N ARG D 315 19.14 -4.46 -19.88
CA ARG D 315 17.68 -4.48 -19.90
C ARG D 315 17.20 -4.64 -21.33
N ALA D 316 16.58 -5.78 -21.63
CA ALA D 316 15.92 -5.94 -22.93
C ALA D 316 14.61 -5.17 -23.00
N GLY D 317 13.91 -5.04 -21.89
CA GLY D 317 12.67 -4.28 -21.92
C GLY D 317 12.09 -4.01 -20.56
N VAL D 318 10.82 -3.58 -20.56
CA VAL D 318 10.17 -3.09 -19.34
C VAL D 318 8.66 -3.30 -19.48
N LEU D 319 8.03 -3.67 -18.37
CA LEU D 319 6.60 -3.93 -18.28
C LEU D 319 6.03 -3.00 -17.20
N ALA D 320 5.73 -1.76 -17.59
CA ALA D 320 5.26 -0.75 -16.64
C ALA D 320 3.74 -0.65 -16.71
N GLY D 321 3.09 -1.71 -16.24
CA GLY D 321 1.64 -1.77 -16.30
C GLY D 321 0.93 -1.53 -14.98
N HIS D 322 1.58 -1.86 -13.88
CA HIS D 322 0.91 -1.87 -12.59
C HIS D 322 0.93 -0.49 -11.94
N ASP D 323 0.01 -0.29 -11.00
CA ASP D 323 -0.14 0.98 -10.29
C ASP D 323 0.34 0.86 -8.85
N ASN D 324 0.91 -0.27 -8.47
CA ASN D 324 1.31 -0.54 -7.10
C ASN D 324 2.28 -1.72 -7.16
N ARG D 325 3.00 -1.94 -6.05
CA ARG D 325 4.11 -2.89 -5.95
C ARG D 325 3.77 -4.27 -6.49
N VAL D 326 4.63 -4.76 -7.38
CA VAL D 326 4.50 -6.09 -7.97
C VAL D 326 4.89 -7.13 -6.94
N SER D 327 3.98 -8.05 -6.63
CA SER D 327 4.17 -9.01 -5.56
C SER D 327 4.47 -10.41 -6.06
N CYS D 328 4.01 -10.77 -7.25
CA CYS D 328 4.21 -12.14 -7.75
C CYS D 328 4.27 -12.14 -9.27
N LEU D 329 5.01 -13.11 -9.81
CA LEU D 329 5.29 -13.16 -11.24
C LEU D 329 5.43 -14.63 -11.64
N GLY D 330 4.71 -15.03 -12.69
CA GLY D 330 4.69 -16.42 -13.11
C GLY D 330 4.76 -16.60 -14.61
N VAL D 331 5.62 -17.53 -15.05
CA VAL D 331 5.81 -17.83 -16.46
C VAL D 331 5.31 -19.25 -16.71
N THR D 332 4.55 -19.44 -17.79
CA THR D 332 3.96 -20.74 -18.08
C THR D 332 5.04 -21.75 -18.47
N ASP D 333 4.68 -23.04 -18.42
CA ASP D 333 5.63 -24.08 -18.75
C ASP D 333 5.96 -24.15 -20.23
N ASP D 334 5.05 -23.69 -21.10
CA ASP D 334 5.33 -23.60 -22.52
C ASP D 334 5.76 -22.21 -22.96
N GLY D 335 5.96 -21.29 -22.02
CA GLY D 335 6.44 -19.96 -22.33
C GLY D 335 5.50 -19.09 -23.14
N MET D 336 4.21 -19.43 -23.19
CA MET D 336 3.29 -18.73 -24.08
C MET D 336 2.86 -17.36 -23.55
N ALA D 337 2.89 -17.16 -22.23
CA ALA D 337 2.46 -15.89 -21.66
C ALA D 337 3.12 -15.73 -20.31
N VAL D 338 2.99 -14.53 -19.73
CA VAL D 338 3.61 -14.19 -18.45
C VAL D 338 2.62 -13.39 -17.63
N ALA D 339 2.30 -13.87 -16.43
CA ALA D 339 1.29 -13.23 -15.61
C ALA D 339 1.98 -12.55 -14.44
N THR D 340 1.54 -11.34 -14.12
CA THR D 340 2.08 -10.58 -13.00
C THR D 340 0.94 -10.11 -12.11
N GLY D 341 1.17 -10.18 -10.80
CA GLY D 341 0.18 -9.79 -9.82
C GLY D 341 0.75 -8.84 -8.81
N SER D 342 0.05 -7.73 -8.59
CA SER D 342 0.54 -6.63 -7.78
C SER D 342 -0.51 -6.25 -6.74
N TRP D 343 -0.14 -5.33 -5.86
CA TRP D 343 -0.99 -4.95 -4.74
C TRP D 343 -2.15 -4.03 -5.12
N ASP D 344 -2.39 -3.78 -6.40
CA ASP D 344 -3.58 -3.05 -6.84
C ASP D 344 -4.75 -3.98 -7.13
N SER D 345 -4.61 -5.27 -6.79
CA SER D 345 -5.61 -6.34 -6.91
C SER D 345 -5.86 -6.76 -8.35
N PHE D 346 -4.92 -6.51 -9.27
CA PHE D 346 -5.09 -6.89 -10.66
C PHE D 346 -4.04 -7.93 -11.06
N LEU D 347 -4.44 -8.82 -11.95
CA LEU D 347 -3.51 -9.74 -12.64
C LEU D 347 -3.37 -9.32 -14.10
N LYS D 348 -2.20 -8.83 -14.47
CA LYS D 348 -1.90 -8.52 -15.87
C LYS D 348 -1.34 -9.77 -16.54
N ILE D 349 -1.86 -10.12 -17.71
CA ILE D 349 -1.28 -11.18 -18.54
C ILE D 349 -0.57 -10.54 -19.72
N TRP D 350 0.75 -10.44 -19.63
CA TRP D 350 1.57 -9.90 -20.70
C TRP D 350 1.89 -11.03 -21.69
N ASN D 351 1.91 -10.67 -22.98
CA ASN D 351 2.24 -11.63 -24.03
C ASN D 351 2.88 -10.89 -25.19
N GLY D 352 4.14 -11.20 -25.46
CA GLY D 352 4.90 -10.44 -26.46
C GLY D 352 4.49 -10.81 -27.88
N SER D 353 4.44 -9.80 -28.73
CA SER D 353 3.89 -9.95 -30.08
C SER D 353 5.00 -9.88 -31.12
N SER E 8 26.14 -24.12 22.65
CA SER E 8 26.80 -23.21 21.74
C SER E 8 27.98 -23.88 21.04
N ILE E 9 28.63 -24.80 21.74
CA ILE E 9 29.76 -25.51 21.15
C ILE E 9 29.29 -26.64 20.24
N ALA E 10 28.11 -27.21 20.49
CA ALA E 10 27.52 -28.14 19.53
C ALA E 10 27.13 -27.43 18.24
N GLN E 11 26.68 -26.18 18.35
CA GLN E 11 26.38 -25.39 17.16
C GLN E 11 27.64 -25.10 16.36
N ALA E 12 28.74 -24.76 17.05
CA ALA E 12 30.00 -24.56 16.36
C ALA E 12 30.58 -25.84 15.79
N ARG E 13 30.26 -27.01 16.37
CA ARG E 13 30.73 -28.25 15.79
C ARG E 13 29.91 -28.67 14.58
N LYS E 14 28.64 -28.27 14.56
CA LYS E 14 27.83 -28.53 13.37
C LYS E 14 28.17 -27.57 12.24
N LEU E 15 28.54 -26.33 12.58
CA LEU E 15 29.00 -25.39 11.56
C LEU E 15 30.37 -25.79 11.01
N VAL E 16 31.25 -26.32 11.86
CA VAL E 16 32.54 -26.82 11.37
C VAL E 16 32.36 -28.05 10.48
N GLU E 17 31.44 -28.96 10.84
CA GLU E 17 31.21 -30.12 9.97
C GLU E 17 30.49 -29.74 8.68
N GLN E 18 29.65 -28.71 8.74
CA GLN E 18 29.04 -28.15 7.53
C GLN E 18 30.12 -27.59 6.59
N LEU E 19 31.03 -26.78 7.12
CA LEU E 19 32.07 -26.18 6.27
C LEU E 19 33.04 -27.24 5.76
N LYS E 20 33.27 -28.31 6.53
CA LYS E 20 34.02 -29.47 6.04
C LYS E 20 33.32 -30.10 4.84
N MET E 21 32.01 -30.32 4.94
CA MET E 21 31.26 -30.94 3.85
C MET E 21 31.20 -30.03 2.63
N GLU E 22 31.19 -28.70 2.84
CA GLU E 22 31.10 -27.76 1.72
C GLU E 22 32.45 -27.52 1.05
N ALA E 23 33.55 -27.62 1.80
CA ALA E 23 34.88 -27.53 1.20
C ALA E 23 35.15 -28.70 0.26
N ASN E 24 35.00 -29.93 0.74
CA ASN E 24 35.39 -31.13 0.00
C ASN E 24 34.30 -31.52 -1.01
N ILE E 25 34.17 -30.71 -2.06
CA ILE E 25 33.30 -31.01 -3.18
C ILE E 25 34.08 -30.87 -4.47
N ASP E 26 33.47 -31.33 -5.57
CA ASP E 26 34.02 -31.12 -6.90
C ASP E 26 33.59 -29.76 -7.43
N ARG E 27 34.53 -29.01 -7.99
CA ARG E 27 34.25 -27.72 -8.60
C ARG E 27 34.58 -27.76 -10.09
N ILE E 28 33.60 -27.45 -10.91
CA ILE E 28 33.77 -27.31 -12.35
C ILE E 28 34.17 -25.88 -12.66
N LYS E 29 35.15 -25.72 -13.57
CA LYS E 29 35.61 -24.42 -14.03
C LYS E 29 34.48 -23.56 -14.59
N VAL E 30 34.65 -22.24 -14.51
CA VAL E 30 33.57 -21.30 -14.80
C VAL E 30 33.26 -21.27 -16.29
N SER E 31 34.30 -21.33 -17.14
CA SER E 31 34.11 -21.25 -18.59
C SER E 31 33.35 -22.46 -19.14
N LYS E 32 33.46 -23.62 -18.49
CA LYS E 32 32.79 -24.83 -18.97
C LYS E 32 31.27 -24.70 -18.85
N ALA E 33 30.77 -24.48 -17.63
CA ALA E 33 29.34 -24.29 -17.43
C ALA E 33 28.84 -22.98 -18.03
N ALA E 34 29.70 -21.98 -18.16
CA ALA E 34 29.32 -20.75 -18.84
C ALA E 34 29.22 -20.92 -20.35
N ALA E 35 29.88 -21.95 -20.90
CA ALA E 35 29.67 -22.31 -22.30
C ALA E 35 28.46 -23.21 -22.44
N ASP E 36 28.21 -24.05 -21.43
CA ASP E 36 27.01 -24.88 -21.37
C ASP E 36 25.74 -24.05 -21.46
N LEU E 37 25.65 -23.00 -20.62
CA LEU E 37 24.50 -22.10 -20.64
C LEU E 37 24.28 -21.46 -22.00
N MET E 38 25.37 -21.06 -22.68
CA MET E 38 25.25 -20.56 -24.06
C MET E 38 24.76 -21.65 -24.99
N ALA E 39 25.26 -22.88 -24.81
CA ALA E 39 24.86 -24.00 -25.67
C ALA E 39 23.37 -24.26 -25.55
N TYR E 40 22.84 -24.13 -24.33
CA TYR E 40 21.44 -24.46 -24.08
C TYR E 40 20.53 -23.33 -24.59
N CYS E 41 20.96 -22.08 -24.42
CA CYS E 41 20.23 -20.95 -24.97
C CYS E 41 20.23 -20.96 -26.50
N GLU E 42 21.34 -21.36 -27.11
CA GLU E 42 21.38 -21.52 -28.57
C GLU E 42 20.48 -22.66 -29.02
N ALA E 43 20.58 -23.83 -28.37
CA ALA E 43 19.84 -25.01 -28.77
C ALA E 43 18.33 -24.78 -28.70
N HIS E 44 17.86 -24.12 -27.64
CA HIS E 44 16.43 -23.91 -27.45
C HIS E 44 16.05 -22.47 -27.75
N ALA E 45 16.71 -21.87 -28.74
CA ALA E 45 16.41 -20.49 -29.12
C ALA E 45 15.08 -20.40 -29.86
N LYS E 46 14.90 -21.23 -30.90
CA LYS E 46 13.75 -21.09 -31.81
C LYS E 46 12.43 -21.37 -31.11
N GLU E 47 12.42 -22.32 -30.17
CA GLU E 47 11.17 -22.80 -29.59
C GLU E 47 10.55 -21.81 -28.60
N ASP E 48 11.32 -20.83 -28.11
CA ASP E 48 10.84 -19.92 -27.08
C ASP E 48 9.79 -18.97 -27.66
N PRO E 49 8.62 -18.82 -27.02
CA PRO E 49 7.64 -17.84 -27.50
C PRO E 49 7.81 -16.43 -26.95
N LEU E 50 8.82 -16.16 -26.15
CA LEU E 50 9.17 -14.81 -25.76
C LEU E 50 10.41 -14.27 -26.46
N LEU E 51 11.46 -15.08 -26.57
CA LEU E 51 12.60 -14.76 -27.41
C LEU E 51 12.18 -14.55 -28.87
N THR E 52 11.39 -15.47 -29.41
CA THR E 52 10.91 -15.42 -30.78
C THR E 52 9.42 -15.12 -30.78
N PRO E 53 8.97 -14.04 -31.42
CA PRO E 53 7.53 -13.76 -31.47
C PRO E 53 6.80 -14.77 -32.35
N VAL E 54 5.60 -15.16 -31.89
CA VAL E 54 4.84 -16.23 -32.53
C VAL E 54 3.79 -15.60 -33.44
N PRO E 55 3.52 -16.18 -34.62
CA PRO E 55 2.40 -15.71 -35.45
C PRO E 55 1.06 -15.81 -34.75
N ALA E 56 0.20 -14.82 -35.01
CA ALA E 56 -1.09 -14.67 -34.32
C ALA E 56 -2.06 -15.83 -34.57
N SER E 57 -1.82 -16.66 -35.58
CA SER E 57 -2.65 -17.85 -35.80
C SER E 57 -2.45 -18.91 -34.74
N GLU E 58 -1.35 -18.85 -33.98
CA GLU E 58 -1.02 -19.84 -32.97
C GLU E 58 -1.26 -19.35 -31.55
N ASN E 59 -1.03 -18.07 -31.30
CA ASN E 59 -1.17 -17.39 -30.01
C ASN E 59 -2.62 -17.46 -29.54
N PRO E 60 -2.90 -18.21 -28.46
CA PRO E 60 -4.30 -18.42 -28.05
C PRO E 60 -4.90 -17.26 -27.28
N PHE E 61 -4.11 -16.24 -26.95
CA PHE E 61 -4.57 -15.12 -26.14
C PHE E 61 -5.12 -13.96 -26.98
N ARG E 62 -5.27 -14.14 -28.28
CA ARG E 62 -5.71 -13.08 -29.17
C ARG E 62 -6.94 -13.50 -29.96
N GLN F 1 29.89 -11.18 0.87
CA GLN F 1 29.52 -11.64 2.20
C GLN F 1 29.62 -10.53 3.24
N VAL F 2 28.50 -10.26 3.92
CA VAL F 2 28.46 -9.25 4.96
C VAL F 2 29.23 -9.76 6.17
N GLN F 3 30.28 -9.04 6.56
CA GLN F 3 30.96 -9.34 7.81
C GLN F 3 31.36 -8.07 8.53
N LEU F 4 31.13 -8.07 9.85
CA LEU F 4 31.39 -6.93 10.70
C LEU F 4 32.37 -7.36 11.79
N GLN F 5 33.49 -6.66 11.90
CA GLN F 5 34.54 -7.01 12.85
C GLN F 5 34.72 -5.89 13.88
N GLU F 6 34.28 -6.14 15.10
CA GLU F 6 34.55 -5.20 16.18
C GLU F 6 36.02 -5.28 16.60
N SER F 7 36.54 -4.17 17.11
CA SER F 7 37.94 -4.07 17.48
C SER F 7 38.07 -3.12 18.66
N GLY F 8 38.94 -3.48 19.60
CA GLY F 8 39.15 -2.72 20.81
C GLY F 8 38.30 -3.23 21.96
N GLY F 9 38.51 -2.64 23.12
CA GLY F 9 37.81 -3.05 24.31
C GLY F 9 38.74 -3.32 25.48
N GLY F 10 38.38 -4.29 26.32
CA GLY F 10 39.27 -4.74 27.37
C GLY F 10 38.91 -4.17 28.73
N LEU F 11 39.67 -4.60 29.73
CA LEU F 11 39.49 -4.14 31.10
C LEU F 11 40.00 -2.70 31.24
N VAL F 12 39.15 -1.82 31.74
CA VAL F 12 39.50 -0.41 31.96
C VAL F 12 39.09 -0.02 33.37
N GLN F 13 39.52 1.19 33.76
CA GLN F 13 39.25 1.82 35.04
C GLN F 13 38.24 2.95 34.85
N PRO F 14 37.41 3.26 35.85
CA PRO F 14 36.36 4.28 35.66
C PRO F 14 36.94 5.67 35.48
N GLY F 15 36.16 6.52 34.80
CA GLY F 15 36.59 7.84 34.42
C GLY F 15 37.56 7.90 33.25
N GLY F 16 37.91 6.75 32.66
CA GLY F 16 38.87 6.70 31.58
C GLY F 16 38.20 6.82 30.22
N SER F 17 39.00 6.58 29.18
CA SER F 17 38.58 6.75 27.80
C SER F 17 39.02 5.54 26.99
N LEU F 18 38.31 5.29 25.89
CA LEU F 18 38.56 4.11 25.07
C LEU F 18 37.87 4.28 23.71
N ARG F 19 38.55 3.84 22.67
CA ARG F 19 38.06 3.96 21.29
C ARG F 19 37.80 2.57 20.74
N LEU F 20 36.64 2.39 20.11
CA LEU F 20 36.25 1.14 19.49
C LEU F 20 36.13 1.32 17.99
N SER F 21 36.35 0.24 17.26
CA SER F 21 36.35 0.24 15.81
C SER F 21 35.41 -0.84 15.30
N CYS F 22 34.81 -0.58 14.14
CA CYS F 22 33.99 -1.56 13.43
C CYS F 22 34.46 -1.59 11.98
N ALA F 23 35.12 -2.68 11.61
CA ALA F 23 35.57 -2.94 10.24
C ALA F 23 34.44 -3.62 9.47
N ALA F 24 33.83 -2.89 8.54
CA ALA F 24 32.70 -3.37 7.77
C ALA F 24 33.19 -3.86 6.42
N SER F 25 33.22 -5.17 6.22
CA SER F 25 33.70 -5.76 4.97
C SER F 25 32.57 -6.47 4.23
N GLY F 26 32.53 -6.28 2.92
CA GLY F 26 31.68 -7.07 2.04
C GLY F 26 30.39 -6.44 1.58
N PHE F 27 30.21 -5.12 1.75
CA PHE F 27 29.03 -4.46 1.22
C PHE F 27 29.33 -2.99 0.95
N THR F 28 28.36 -2.33 0.32
CA THR F 28 28.46 -0.92 -0.09
C THR F 28 28.19 -0.06 1.14
N PHE F 29 29.26 0.23 1.88
CA PHE F 29 29.20 0.80 3.24
C PHE F 29 28.47 2.14 3.29
N SER F 30 28.55 2.94 2.23
CA SER F 30 28.09 4.33 2.27
C SER F 30 26.57 4.47 2.22
N ASN F 31 25.83 3.38 2.01
CA ASN F 31 24.37 3.47 1.84
C ASN F 31 23.58 2.91 3.01
N TYR F 32 24.22 2.43 4.06
CA TYR F 32 23.54 1.78 5.17
C TYR F 32 23.65 2.60 6.44
N LYS F 33 22.50 2.94 7.03
CA LYS F 33 22.46 3.42 8.40
C LYS F 33 22.97 2.32 9.33
N MET F 34 23.85 2.67 10.26
CA MET F 34 24.33 1.67 11.22
C MET F 34 24.07 2.14 12.64
N ASN F 35 24.41 1.27 13.60
CA ASN F 35 24.15 1.57 15.01
C ASN F 35 24.97 0.64 15.91
N TRP F 36 25.04 1.04 17.18
CA TRP F 36 25.72 0.30 18.24
C TRP F 36 24.69 -0.14 19.27
N VAL F 37 24.80 -1.42 19.67
CA VAL F 37 23.88 -2.11 20.58
C VAL F 37 24.73 -2.80 21.65
N ARG F 38 24.25 -2.86 22.89
CA ARG F 38 25.03 -3.47 23.96
C ARG F 38 24.20 -4.50 24.72
N GLN F 39 24.93 -5.43 25.34
CA GLN F 39 24.34 -6.54 26.09
C GLN F 39 25.01 -6.57 27.46
N ALA F 40 24.27 -6.18 28.49
CA ALA F 40 24.77 -6.26 29.84
C ALA F 40 24.79 -7.73 30.28
N PRO F 41 25.78 -8.13 31.09
CA PRO F 41 25.79 -9.50 31.63
C PRO F 41 24.55 -9.82 32.46
N GLY F 42 23.80 -10.81 31.99
CA GLY F 42 22.57 -11.20 32.65
C GLY F 42 21.42 -10.24 32.43
N LYS F 43 21.41 -9.52 31.30
CA LYS F 43 20.32 -8.62 30.94
C LYS F 43 20.08 -8.71 29.44
N GLY F 44 19.01 -8.05 28.98
CA GLY F 44 18.66 -8.03 27.59
C GLY F 44 19.49 -7.06 26.75
N LEU F 45 19.33 -7.18 25.44
CA LEU F 45 19.97 -6.25 24.50
C LEU F 45 19.31 -4.89 24.57
N GLU F 46 20.13 -3.84 24.62
CA GLU F 46 19.63 -2.47 24.56
C GLU F 46 20.43 -1.67 23.55
N TRP F 47 19.72 -0.85 22.78
CA TRP F 47 20.33 0.06 21.81
C TRP F 47 21.15 1.15 22.49
N VAL F 48 22.32 1.44 21.91
CA VAL F 48 23.22 2.45 22.48
C VAL F 48 23.13 3.73 21.67
N SER F 49 23.37 3.65 20.36
CA SER F 49 23.45 4.87 19.56
C SER F 49 23.37 4.49 18.09
N ASP F 50 23.21 5.48 17.22
CA ASP F 50 23.13 5.19 15.79
C ASP F 50 23.81 6.28 14.98
N ILE F 51 23.81 6.09 13.65
CA ILE F 51 24.39 7.03 12.70
C ILE F 51 23.88 6.74 11.29
N SER F 52 23.43 7.78 10.60
CA SER F 52 22.77 7.66 9.31
C SER F 52 23.81 7.47 8.21
N GLN F 53 23.38 7.60 6.95
CA GLN F 53 24.26 7.34 5.81
C GLN F 53 25.34 8.41 5.68
N SER F 54 24.93 9.65 5.47
CA SER F 54 25.89 10.74 5.26
C SER F 54 26.64 11.08 6.54
N GLY F 55 25.97 10.99 7.69
CA GLY F 55 26.55 11.38 8.96
C GLY F 55 25.86 12.55 9.63
N ALA F 56 24.81 13.11 9.03
CA ALA F 56 24.14 14.29 9.57
C ALA F 56 23.36 13.94 10.83
N SER F 57 22.36 13.07 10.69
CA SER F 57 21.49 12.75 11.82
C SER F 57 22.21 11.75 12.73
N ILE F 58 22.29 12.08 14.01
CA ILE F 58 22.90 11.23 15.04
C ILE F 58 21.97 11.21 16.24
N SER F 59 21.80 10.04 16.86
CA SER F 59 21.13 9.98 18.14
C SER F 59 21.80 8.95 19.04
N TYR F 60 21.50 9.09 20.33
CA TYR F 60 22.07 8.30 21.41
C TYR F 60 20.95 7.81 22.32
N THR F 61 21.26 6.81 23.13
CA THR F 61 20.38 6.45 24.24
C THR F 61 20.55 7.52 25.32
N GLY F 62 19.42 7.86 25.98
CA GLY F 62 19.39 8.95 26.95
C GLY F 62 20.44 8.86 28.05
N SER F 63 20.64 7.66 28.58
CA SER F 63 21.43 7.51 29.80
C SER F 63 22.92 7.55 29.54
N VAL F 64 23.36 7.63 28.27
CA VAL F 64 24.76 7.82 27.94
C VAL F 64 24.91 9.00 26.99
N LYS F 65 23.90 9.87 26.96
CA LYS F 65 23.88 10.97 25.99
C LYS F 65 24.90 12.04 26.40
N GLY F 66 25.67 12.52 25.42
CA GLY F 66 26.71 13.49 25.69
C GLY F 66 27.97 12.91 26.28
N ARG F 67 28.06 11.58 26.42
CA ARG F 67 29.26 10.89 26.86
C ARG F 67 29.94 10.09 25.76
N PHE F 68 29.26 9.85 24.64
CA PHE F 68 29.77 8.97 23.59
C PHE F 68 29.83 9.75 22.28
N THR F 69 30.80 9.43 21.45
CA THR F 69 30.98 10.07 20.16
C THR F 69 31.01 9.01 19.07
N ILE F 70 30.01 9.02 18.20
CA ILE F 70 29.91 8.05 17.11
C ILE F 70 30.24 8.75 15.80
N SER F 71 31.13 8.14 15.00
CA SER F 71 31.57 8.76 13.76
C SER F 71 31.88 7.69 12.72
N ARG F 72 31.37 7.85 11.51
CA ARG F 72 31.65 6.91 10.43
C ARG F 72 32.67 7.51 9.46
N ASP F 73 33.58 6.66 8.99
CA ASP F 73 34.55 7.03 7.97
C ASP F 73 34.24 6.20 6.72
N ASN F 74 33.66 6.87 5.71
CA ASN F 74 33.31 6.21 4.46
C ASN F 74 34.52 6.01 3.57
N ALA F 75 35.49 6.93 3.65
CA ALA F 75 36.76 6.81 2.94
C ALA F 75 37.48 5.51 3.33
N LYS F 76 37.70 5.31 4.62
CA LYS F 76 38.47 4.18 5.10
C LYS F 76 37.61 2.99 5.50
N ASN F 77 36.28 3.13 5.40
CA ASN F 77 35.29 2.07 5.64
C ASN F 77 35.40 1.53 7.07
N THR F 78 35.06 2.38 8.03
CA THR F 78 35.32 2.06 9.44
C THR F 78 34.43 2.92 10.32
N LEU F 79 33.77 2.31 11.30
CA LEU F 79 32.92 3.04 12.24
C LEU F 79 33.63 3.16 13.58
N TYR F 80 33.74 4.38 14.09
CA TYR F 80 34.48 4.67 15.31
C TYR F 80 33.51 5.07 16.42
N LEU F 81 33.72 4.52 17.61
CA LEU F 81 32.97 4.92 18.79
C LEU F 81 33.94 5.33 19.89
N GLN F 82 33.83 6.58 20.35
CA GLN F 82 34.68 7.12 21.40
C GLN F 82 33.90 7.16 22.70
N MET F 83 34.49 6.60 23.77
CA MET F 83 33.84 6.45 25.06
C MET F 83 34.74 7.07 26.13
N ASN F 84 34.40 8.27 26.59
CA ASN F 84 35.12 8.89 27.71
C ASN F 84 34.19 9.06 28.89
N SER F 85 34.80 9.28 30.07
CA SER F 85 34.11 9.51 31.34
C SER F 85 33.28 8.29 31.73
N LEU F 86 33.97 7.15 31.82
CA LEU F 86 33.31 5.86 31.93
C LEU F 86 32.76 5.63 33.35
N LYS F 87 31.77 4.76 33.42
CA LYS F 87 30.97 4.47 34.61
C LYS F 87 31.01 2.98 34.88
N PRO F 88 31.02 2.57 36.16
CA PRO F 88 30.99 1.13 36.48
C PRO F 88 29.77 0.38 35.96
N GLU F 89 28.66 1.06 35.67
CA GLU F 89 27.45 0.41 35.18
C GLU F 89 27.49 0.13 33.68
N ASP F 90 28.56 0.52 32.99
CA ASP F 90 28.62 0.46 31.53
C ASP F 90 29.38 -0.76 31.03
N THR F 91 29.71 -1.71 31.90
CA THR F 91 30.35 -2.94 31.47
C THR F 91 29.35 -3.82 30.73
N ALA F 92 29.74 -4.28 29.53
CA ALA F 92 28.85 -5.00 28.63
C ALA F 92 29.65 -5.62 27.49
N VAL F 93 28.95 -6.45 26.72
CA VAL F 93 29.41 -6.87 25.40
C VAL F 93 28.83 -5.88 24.39
N TYR F 94 29.64 -5.47 23.41
CA TYR F 94 29.24 -4.46 22.45
C TYR F 94 29.13 -5.07 21.05
N TYR F 95 28.13 -4.59 20.30
CA TYR F 95 27.71 -5.16 19.03
C TYR F 95 27.58 -4.03 18.03
N CYS F 96 28.27 -4.16 16.90
CA CYS F 96 28.22 -3.18 15.82
C CYS F 96 27.22 -3.70 14.79
N ALA F 97 26.04 -3.09 14.73
CA ALA F 97 24.92 -3.66 13.99
C ALA F 97 24.58 -2.77 12.81
N ARG F 98 23.99 -3.40 11.79
CA ARG F 98 23.65 -2.76 10.54
C ARG F 98 22.16 -2.95 10.27
N CYS F 99 21.55 -1.95 9.66
CA CYS F 99 20.14 -2.03 9.34
C CYS F 99 19.95 -2.81 8.03
N PRO F 100 18.85 -3.58 7.91
CA PRO F 100 18.80 -4.59 6.83
C PRO F 100 18.61 -4.02 5.44
N ALA F 101 17.83 -2.95 5.28
CA ALA F 101 17.68 -2.49 3.90
C ALA F 101 18.55 -1.26 3.64
N PRO F 102 19.07 -1.11 2.42
CA PRO F 102 19.68 0.15 2.04
C PRO F 102 18.63 1.19 1.65
N PHE F 103 19.04 2.46 1.78
CA PHE F 103 18.23 3.65 1.44
C PHE F 103 16.89 3.65 2.17
N THR F 104 16.98 3.63 3.50
CA THR F 104 15.78 3.66 4.33
C THR F 104 16.09 4.37 5.63
N ARG F 105 15.05 4.56 6.43
CA ARG F 105 15.16 5.22 7.73
C ARG F 105 14.84 4.32 8.92
N ASP F 106 14.08 3.25 8.72
CA ASP F 106 13.76 2.35 9.81
C ASP F 106 14.80 1.23 9.94
N CYS F 107 14.87 0.66 11.15
CA CYS F 107 15.73 -0.48 11.42
C CYS F 107 14.94 -1.46 12.29
N PHE F 108 15.28 -2.75 12.18
CA PHE F 108 14.79 -3.77 13.12
C PHE F 108 15.94 -4.65 13.58
N ASP F 109 16.69 -4.18 14.58
CA ASP F 109 17.98 -4.78 14.91
C ASP F 109 18.21 -4.73 16.42
N VAL F 110 17.22 -5.13 17.21
CA VAL F 110 17.40 -5.41 18.63
C VAL F 110 17.19 -6.91 18.90
N THR F 111 16.99 -7.71 17.85
CA THR F 111 16.56 -9.09 17.99
C THR F 111 17.70 -9.95 18.50
N SER F 112 17.48 -10.63 19.64
CA SER F 112 18.49 -11.54 20.17
C SER F 112 18.51 -12.89 19.46
N THR F 113 17.45 -13.24 18.74
CA THR F 113 17.33 -14.56 18.12
C THR F 113 18.11 -14.58 16.80
N THR F 114 19.43 -14.59 16.95
CA THR F 114 20.42 -14.86 15.89
C THR F 114 20.25 -13.92 14.69
N TYR F 115 20.14 -12.62 15.00
CA TYR F 115 20.18 -11.59 13.98
C TYR F 115 21.49 -11.67 13.21
N ALA F 116 21.39 -11.76 11.87
CA ALA F 116 22.55 -12.02 11.04
C ALA F 116 23.47 -10.82 10.85
N TYR F 117 22.98 -9.60 11.01
CA TYR F 117 23.68 -8.43 10.52
C TYR F 117 24.36 -7.64 11.63
N ARG F 118 24.86 -8.33 12.65
CA ARG F 118 25.74 -7.71 13.64
C ARG F 118 26.96 -8.60 13.85
N GLY F 119 28.03 -7.97 14.36
CA GLY F 119 29.27 -8.67 14.59
C GLY F 119 29.24 -9.53 15.83
N GLN F 120 30.40 -10.12 16.13
CA GLN F 120 30.50 -10.99 17.29
C GLN F 120 30.63 -10.21 18.60
N GLY F 121 31.13 -8.98 18.55
CA GLY F 121 31.07 -8.12 19.72
C GLY F 121 32.34 -8.18 20.54
N THR F 122 32.49 -7.20 21.42
CA THR F 122 33.71 -7.02 22.19
C THR F 122 33.38 -6.74 23.65
N GLN F 123 34.21 -7.26 24.54
CA GLN F 123 33.99 -7.17 25.98
C GLN F 123 34.60 -5.88 26.51
N VAL F 124 33.79 -5.05 27.16
CA VAL F 124 34.28 -3.89 27.90
C VAL F 124 33.85 -4.03 29.35
N THR F 125 34.83 -3.99 30.26
CA THR F 125 34.59 -4.17 31.68
C THR F 125 35.26 -3.01 32.43
N VAL F 126 34.56 -2.46 33.42
CA VAL F 126 35.06 -1.40 34.27
C VAL F 126 35.33 -2.00 35.64
N SER F 127 36.60 -2.06 36.03
CA SER F 127 37.01 -2.52 37.35
C SER F 127 37.50 -1.33 38.17
N SER F 128 36.97 -1.18 39.38
CA SER F 128 37.44 -0.16 40.30
C SER F 128 38.73 -0.60 41.00
#